data_7E7X
#
_entry.id   7E7X
#
_cell.length_a   91.423
_cell.length_b   113.279
_cell.length_c   210.905
_cell.angle_alpha   90.000
_cell.angle_beta   90.000
_cell.angle_gamma   90.000
#
_symmetry.space_group_name_H-M   'P 21 21 2'
#
loop_
_entity.id
_entity.type
_entity.pdbx_description
1 polymer 'Spike protein S1'
2 polymer 'N11 Fab heavy chain'
3 polymer 'N11 Fab Light chain'
#
loop_
_entity_poly.entity_id
_entity_poly.type
_entity_poly.pdbx_seq_one_letter_code
_entity_poly.pdbx_strand_id
1 'polypeptide(L)'
;SQCVNLTTRTQLPPAYTNSFTRGVYYPDKVFRSSVLHSTQDLFLPFFSNVTWFHAIHVSGTNGTKRFDNPVLPFNDGVYF
ASTEKSNIIRGWIFGTTLDSKTQSLLIVNNATNVVIKVCEFQFCNDPFLGVYYHKNNKSWMESEFRVYSSANNCTFEYVS
QPFLMDLEGKQGNFKNLREFVFKNIDGYFKIYSKHTPINLVRDLPQGFSALEPLVDLPIGINITRFQTLLALHRSYLTPG
DSSSGWTAGAAAYYVGYLQPRTFLLKYNENGTITDAVDCALDPLSETKCTLHHHHHH
;
A,B
2 'polypeptide(L)'
;QVQVVQSGAEVKKPGASVKVSCKVSGYTLIEISIHWVRQAPGKGLEWMGGFDPEAGETIYAQKFQGRVTMTEDTSTDTAY
MEVSSLRSEDTAVYYCATGPAIAAAETNWFDLWGQGTLVTVSSASTKGPSVFPLAPSSKSTSGGTAALGCLVKDYFPEPV
TVSWNSGALTSGVHTFPAVLQSSGLYSLSSVVTVPSSSLGTQTYICNVNHKPSNTKVDKKVEPKSCDKHHHHHH
;
H,M
3 'polypeptide(L)'
;QSALTQPASVSGSPGQSITISCTGTSSDVGSYNYVSWYQQHPGKAPKLMIYDVTKRPSGVPDRFSGSKSGNTASLTISGL
QAEDEADYYCSSYTSSSTWVFGGGTKLTVLGQPKAAPSVTLFPPSSEELQANKATLVCLISDFYPGAVTVAWKADSSPVK
AGVETTTPSKQSNNKYAASSYLSLTPEQWKSHKSYSCQVTHEGSTVEKTVAPTECS
;
L,N
#
# COMPACT_ATOMS: atom_id res chain seq x y z
N SER A 1 -6.58 -52.96 -29.12
CA SER A 1 -6.99 -54.33 -28.79
C SER A 1 -7.13 -54.51 -27.29
N GLN A 2 -7.61 -55.68 -26.88
CA GLN A 2 -7.81 -56.00 -25.49
C GLN A 2 -7.17 -57.32 -25.07
N CYS A 3 -6.48 -58.00 -25.98
CA CYS A 3 -5.97 -59.34 -25.69
C CYS A 3 -4.93 -59.33 -24.58
N VAL A 4 -4.99 -60.35 -23.74
CA VAL A 4 -4.06 -60.54 -22.63
C VAL A 4 -3.28 -61.82 -22.86
N ASN A 5 -2.00 -61.81 -22.47
CA ASN A 5 -1.12 -62.96 -22.63
C ASN A 5 -0.99 -63.65 -21.28
N LEU A 6 -1.60 -64.82 -21.14
CA LEU A 6 -1.65 -65.53 -19.88
C LEU A 6 -0.44 -66.46 -19.72
N ALA A 15 0.73 -84.92 -21.04
CA ALA A 15 -0.47 -84.84 -20.21
C ALA A 15 -0.92 -86.23 -19.77
N TYR A 16 -1.91 -86.28 -18.88
CA TYR A 16 -2.52 -87.53 -18.43
C TYR A 16 -3.52 -88.07 -19.46
N THR A 17 -3.74 -89.38 -19.38
CA THR A 17 -4.58 -90.13 -20.30
C THR A 17 -5.48 -91.09 -19.54
N ASN A 18 -6.63 -91.43 -20.13
CA ASN A 18 -7.65 -92.24 -19.47
C ASN A 18 -8.39 -93.05 -20.55
N SER A 19 -9.56 -93.62 -20.18
CA SER A 19 -10.30 -94.54 -21.04
C SER A 19 -11.62 -95.00 -20.41
N PHE A 20 -12.73 -94.96 -21.17
CA PHE A 20 -14.02 -95.46 -20.69
C PHE A 20 -14.97 -95.67 -21.86
N THR A 21 -16.01 -96.48 -21.60
CA THR A 21 -16.94 -96.96 -22.63
C THR A 21 -18.15 -96.04 -22.80
N ARG A 22 -17.86 -94.79 -23.13
CA ARG A 22 -18.91 -93.80 -23.36
C ARG A 22 -18.59 -93.09 -24.68
N GLY A 23 -19.48 -92.18 -25.06
CA GLY A 23 -19.34 -91.51 -26.34
C GLY A 23 -20.22 -92.13 -27.39
N VAL A 24 -21.44 -92.50 -26.98
CA VAL A 24 -22.45 -93.06 -27.87
C VAL A 24 -23.58 -92.04 -28.02
N TYR A 25 -23.93 -91.73 -29.26
CA TYR A 25 -24.99 -90.80 -29.61
C TYR A 25 -25.90 -91.49 -30.62
N TYR A 26 -27.12 -90.98 -30.75
CA TYR A 26 -28.00 -91.50 -31.79
C TYR A 26 -27.28 -91.44 -33.14
N PRO A 27 -27.32 -92.50 -33.95
CA PRO A 27 -26.33 -92.66 -35.02
C PRO A 27 -26.50 -91.73 -36.22
N ASP A 28 -26.47 -90.42 -36.00
CA ASP A 28 -26.74 -89.42 -37.05
C ASP A 28 -28.07 -89.66 -37.75
N LYS A 29 -28.91 -90.49 -37.15
CA LYS A 29 -30.21 -90.81 -37.70
C LYS A 29 -31.28 -90.47 -36.67
N VAL A 30 -32.43 -89.99 -37.15
CA VAL A 30 -33.54 -89.65 -36.26
C VAL A 30 -34.71 -90.60 -36.53
N PHE A 31 -34.39 -91.82 -36.95
CA PHE A 31 -35.39 -92.84 -37.23
C PHE A 31 -35.66 -93.63 -35.96
N ARG A 32 -36.93 -93.93 -35.72
CA ARG A 32 -37.32 -94.73 -34.56
C ARG A 32 -37.20 -96.20 -34.81
N SER A 33 -36.79 -96.90 -33.79
CA SER A 33 -36.58 -98.33 -33.98
C SER A 33 -36.67 -98.96 -32.59
N SER A 34 -36.84 -100.30 -32.55
CA SER A 34 -37.05 -101.08 -31.33
C SER A 34 -36.28 -102.42 -31.29
N VAL A 35 -35.21 -102.52 -32.06
CA VAL A 35 -34.47 -103.75 -32.20
C VAL A 35 -33.00 -103.33 -32.31
N LEU A 36 -32.12 -104.30 -32.56
CA LEU A 36 -30.72 -103.99 -32.81
C LEU A 36 -30.54 -103.49 -34.24
N HIS A 37 -29.69 -102.47 -34.40
CA HIS A 37 -29.43 -101.87 -35.71
C HIS A 37 -27.93 -101.61 -35.84
N SER A 38 -27.34 -102.13 -36.92
CA SER A 38 -25.94 -101.86 -37.19
C SER A 38 -25.79 -100.50 -37.87
N THR A 39 -24.58 -99.93 -37.73
CA THR A 39 -24.32 -98.60 -38.28
C THR A 39 -22.82 -98.45 -38.54
N GLN A 40 -22.49 -97.89 -39.69
CA GLN A 40 -21.12 -97.47 -40.01
C GLN A 40 -21.14 -95.96 -39.92
N ASP A 41 -20.65 -95.43 -38.81
CA ASP A 41 -20.62 -93.99 -38.60
C ASP A 41 -19.31 -93.64 -37.92
N LEU A 42 -19.19 -92.38 -37.49
CA LEU A 42 -18.04 -91.91 -36.74
C LEU A 42 -18.34 -92.08 -35.26
N PHE A 43 -17.65 -93.03 -34.62
CA PHE A 43 -17.88 -93.33 -33.22
C PHE A 43 -16.56 -93.25 -32.45
N LEU A 44 -16.69 -93.17 -31.13
CA LEU A 44 -15.54 -93.20 -30.25
C LEU A 44 -15.23 -94.63 -29.84
N PRO A 45 -14.00 -95.12 -30.03
CA PRO A 45 -13.66 -96.47 -29.56
C PRO A 45 -13.92 -96.61 -28.06
N PHE A 46 -14.36 -97.82 -27.65
CA PHE A 46 -14.81 -97.99 -26.27
C PHE A 46 -13.69 -97.86 -25.24
N PHE A 47 -12.53 -98.44 -25.50
CA PHE A 47 -11.49 -98.32 -24.49
C PHE A 47 -10.30 -97.56 -25.05
N SER A 48 -10.56 -96.38 -25.59
CA SER A 48 -9.58 -95.61 -26.33
C SER A 48 -8.81 -94.67 -25.41
N ASN A 49 -7.72 -94.12 -25.95
CA ASN A 49 -6.85 -93.21 -25.23
C ASN A 49 -7.47 -91.81 -25.24
N VAL A 50 -8.08 -91.43 -24.12
CA VAL A 50 -8.61 -90.09 -23.92
C VAL A 50 -7.52 -89.27 -23.21
N THR A 51 -7.43 -87.98 -23.55
CA THR A 51 -6.45 -87.10 -22.92
C THR A 51 -7.13 -86.25 -21.85
N TRP A 52 -6.48 -86.17 -20.68
CA TRP A 52 -6.99 -85.46 -19.52
C TRP A 52 -6.22 -84.16 -19.40
N PHE A 53 -6.91 -83.04 -19.64
CA PHE A 53 -6.27 -81.74 -19.75
C PHE A 53 -6.53 -80.91 -18.50
N HIS A 54 -5.55 -80.10 -18.14
CA HIS A 54 -5.66 -79.13 -17.05
C HIS A 54 -5.59 -77.72 -17.60
N ALA A 55 -6.38 -76.81 -17.03
CA ALA A 55 -6.30 -75.39 -17.39
C ALA A 55 -6.53 -74.46 -16.21
N ASN A 69 -3.83 -74.67 -21.51
CA ASN A 69 -4.97 -74.76 -22.42
C ASN A 69 -4.50 -74.69 -23.87
N PRO A 70 -4.56 -75.83 -24.58
CA PRO A 70 -3.98 -75.89 -25.93
C PRO A 70 -5.00 -75.84 -27.06
N VAL A 71 -4.54 -75.42 -28.25
CA VAL A 71 -5.30 -75.57 -29.48
C VAL A 71 -5.21 -77.04 -29.89
N LEU A 72 -6.34 -77.75 -29.80
CA LEU A 72 -6.39 -79.16 -30.13
C LEU A 72 -6.90 -79.40 -31.55
N PRO A 73 -6.34 -80.38 -32.25
CA PRO A 73 -6.90 -80.79 -33.55
C PRO A 73 -8.33 -81.28 -33.39
N PHE A 74 -9.08 -81.20 -34.48
CA PHE A 74 -10.47 -81.67 -34.52
C PHE A 74 -10.61 -83.05 -35.16
N ASN A 75 -9.85 -83.33 -36.22
CA ASN A 75 -9.85 -84.60 -36.97
C ASN A 75 -11.22 -84.85 -37.59
N ASP A 76 -11.92 -85.94 -37.22
CA ASP A 76 -13.26 -86.21 -37.73
C ASP A 76 -14.33 -85.98 -36.68
N GLY A 77 -13.93 -85.72 -35.45
CA GLY A 77 -14.86 -85.52 -34.35
C GLY A 77 -14.08 -85.51 -33.06
N VAL A 78 -14.78 -85.16 -31.99
CA VAL A 78 -14.14 -85.09 -30.68
C VAL A 78 -15.15 -85.55 -29.65
N TYR A 79 -14.68 -86.25 -28.64
CA TYR A 79 -15.44 -86.45 -27.42
C TYR A 79 -14.98 -85.42 -26.40
N PHE A 80 -15.94 -84.67 -25.86
CA PHE A 80 -15.64 -83.66 -24.86
C PHE A 80 -16.49 -83.91 -23.63
N ALA A 81 -15.86 -83.91 -22.46
CA ALA A 81 -16.59 -84.04 -21.21
C ALA A 81 -15.83 -83.31 -20.11
N SER A 82 -16.59 -82.78 -19.16
CA SER A 82 -16.01 -82.08 -18.03
C SER A 82 -16.99 -82.10 -16.87
N THR A 83 -16.45 -82.30 -15.66
CA THR A 83 -17.21 -82.28 -14.42
C THR A 83 -17.07 -80.97 -13.67
N GLU A 84 -16.69 -79.90 -14.36
CA GLU A 84 -16.38 -78.67 -13.65
C GLU A 84 -17.60 -78.07 -12.98
N LYS A 85 -17.39 -77.86 -11.68
CA LYS A 85 -18.43 -77.40 -10.77
C LYS A 85 -18.94 -76.01 -11.13
N SER A 86 -18.06 -75.01 -11.26
CA SER A 86 -18.50 -73.65 -11.55
C SER A 86 -18.81 -73.45 -13.03
N ASN A 87 -19.20 -72.22 -13.39
CA ASN A 87 -19.46 -71.84 -14.78
C ASN A 87 -18.20 -71.25 -15.41
N ILE A 88 -17.14 -72.05 -15.43
CA ILE A 88 -15.86 -71.59 -15.96
C ILE A 88 -15.68 -71.98 -17.42
N ILE A 89 -15.99 -73.22 -17.78
CA ILE A 89 -15.94 -73.64 -19.17
C ILE A 89 -17.24 -73.20 -19.84
N ARG A 90 -17.15 -72.27 -20.78
CA ARG A 90 -18.33 -71.66 -21.38
C ARG A 90 -18.61 -72.11 -22.80
N GLY A 91 -17.64 -72.73 -23.48
CA GLY A 91 -17.86 -73.12 -24.86
C GLY A 91 -16.54 -73.45 -25.53
N TRP A 92 -16.55 -73.32 -26.86
CA TRP A 92 -15.41 -73.69 -27.68
C TRP A 92 -15.33 -72.75 -28.86
N ILE A 93 -14.16 -72.75 -29.51
CA ILE A 93 -14.00 -72.11 -30.81
C ILE A 93 -13.54 -73.18 -31.79
N PHE A 94 -14.16 -73.20 -32.98
CA PHE A 94 -13.82 -74.16 -34.02
C PHE A 94 -13.41 -73.41 -35.29
N GLY A 95 -12.47 -73.99 -36.02
CA GLY A 95 -12.08 -73.42 -37.30
C GLY A 95 -10.79 -74.03 -37.81
N THR A 96 -10.16 -73.31 -38.73
CA THR A 96 -8.94 -73.77 -39.37
C THR A 96 -7.74 -72.96 -38.87
N THR A 97 -7.53 -71.78 -39.46
CA THR A 97 -6.44 -70.91 -39.04
C THR A 97 -6.80 -70.11 -37.79
N LEU A 98 -8.08 -70.04 -37.43
CA LEU A 98 -8.54 -69.28 -36.27
C LEU A 98 -8.12 -67.82 -36.36
N ASP A 99 -8.08 -67.28 -37.58
CA ASP A 99 -7.64 -65.93 -37.87
C ASP A 99 -8.77 -65.13 -38.52
N SER A 100 -8.43 -63.94 -39.00
CA SER A 100 -9.30 -63.16 -39.86
C SER A 100 -9.30 -63.65 -41.30
N LYS A 101 -8.37 -64.55 -41.66
CA LYS A 101 -8.30 -65.05 -43.03
C LYS A 101 -9.44 -66.02 -43.34
N THR A 102 -9.91 -66.76 -42.33
CA THR A 102 -10.95 -67.75 -42.52
C THR A 102 -12.06 -67.54 -41.50
N GLN A 103 -13.20 -68.17 -41.75
CA GLN A 103 -14.32 -68.08 -40.84
C GLN A 103 -14.12 -69.12 -39.74
N SER A 104 -14.60 -68.80 -38.53
CA SER A 104 -14.47 -69.71 -37.41
C SER A 104 -15.82 -69.82 -36.70
N LEU A 105 -15.95 -70.87 -35.91
CA LEU A 105 -17.14 -71.10 -35.10
C LEU A 105 -16.84 -70.70 -33.66
N LEU A 106 -17.87 -70.17 -32.99
CA LEU A 106 -17.71 -69.70 -31.63
C LEU A 106 -19.00 -69.97 -30.87
N ILE A 107 -18.93 -70.82 -29.86
CA ILE A 107 -20.05 -71.14 -28.98
C ILE A 107 -19.77 -70.52 -27.61
N VAL A 108 -20.75 -69.80 -27.07
CA VAL A 108 -20.63 -69.12 -25.78
C VAL A 108 -21.90 -69.37 -24.97
N ASN A 109 -21.74 -69.74 -23.71
CA ASN A 109 -22.88 -70.04 -22.83
C ASN A 109 -22.97 -69.01 -21.71
N ASN A 110 -24.04 -68.20 -21.74
CA ASN A 110 -24.38 -67.31 -20.65
C ASN A 110 -25.09 -68.10 -19.55
N ALA A 111 -25.42 -67.41 -18.45
CA ALA A 111 -26.31 -68.01 -17.47
C ALA A 111 -27.73 -68.15 -18.01
N THR A 112 -28.08 -67.40 -19.04
CA THR A 112 -29.43 -67.40 -19.61
C THR A 112 -29.51 -67.90 -21.04
N ASN A 113 -28.45 -67.77 -21.82
CA ASN A 113 -28.53 -68.07 -23.25
C ASN A 113 -27.27 -68.80 -23.71
N VAL A 114 -27.41 -69.47 -24.85
CA VAL A 114 -26.29 -69.91 -25.66
C VAL A 114 -26.23 -68.99 -26.87
N VAL A 115 -25.01 -68.74 -27.36
CA VAL A 115 -24.83 -67.89 -28.52
C VAL A 115 -23.81 -68.55 -29.44
N ILE A 116 -24.22 -68.83 -30.67
CA ILE A 116 -23.39 -69.50 -31.66
C ILE A 116 -23.27 -68.57 -32.87
N LYS A 117 -22.04 -68.16 -33.19
CA LYS A 117 -21.76 -67.25 -34.31
C LYS A 117 -20.61 -67.77 -35.14
N VAL A 118 -20.68 -67.48 -36.45
CA VAL A 118 -19.63 -67.75 -37.41
C VAL A 118 -19.19 -66.44 -38.04
N CYS A 119 -17.93 -66.06 -37.82
CA CYS A 119 -17.37 -64.83 -38.37
C CYS A 119 -15.89 -65.06 -38.64
N GLU A 120 -15.23 -64.02 -39.16
CA GLU A 120 -13.78 -64.03 -39.33
C GLU A 120 -13.19 -63.40 -38.08
N PHE A 121 -12.99 -64.24 -37.06
CA PHE A 121 -12.53 -63.77 -35.74
C PHE A 121 -11.02 -63.64 -35.71
N GLN A 122 -10.53 -62.44 -35.43
CA GLN A 122 -9.12 -62.24 -35.11
C GLN A 122 -8.90 -62.65 -33.66
N PHE A 123 -8.88 -63.96 -33.44
CA PHE A 123 -8.81 -64.50 -32.09
C PHE A 123 -7.54 -64.05 -31.38
N CYS A 124 -7.61 -63.94 -30.06
CA CYS A 124 -6.43 -63.67 -29.26
C CYS A 124 -5.58 -64.94 -29.14
N ASN A 125 -4.30 -64.74 -28.84
CA ASN A 125 -3.41 -65.88 -28.66
C ASN A 125 -3.87 -66.78 -27.52
N ASP A 126 -4.37 -66.19 -26.44
CA ASP A 126 -4.88 -66.94 -25.28
C ASP A 126 -6.28 -66.43 -24.98
N PRO A 127 -7.29 -66.93 -25.69
CA PRO A 127 -8.64 -66.38 -25.55
C PRO A 127 -9.27 -66.77 -24.21
N PHE A 128 -10.08 -65.85 -23.70
CA PHE A 128 -10.90 -66.14 -22.53
C PHE A 128 -12.04 -65.15 -22.46
N LEU A 129 -13.15 -65.58 -21.88
CA LEU A 129 -14.32 -64.72 -21.70
C LEU A 129 -14.13 -63.94 -20.41
N GLY A 130 -13.75 -62.67 -20.55
CA GLY A 130 -13.40 -61.88 -19.37
C GLY A 130 -14.62 -61.47 -18.58
N VAL A 131 -14.63 -61.80 -17.30
CA VAL A 131 -15.72 -61.45 -16.40
C VAL A 131 -15.25 -60.30 -15.53
N TYR A 132 -16.06 -59.25 -15.46
CA TYR A 132 -15.66 -58.03 -14.76
C TYR A 132 -16.89 -57.42 -14.10
N TYR A 133 -16.64 -56.57 -13.12
CA TYR A 133 -17.73 -55.91 -12.40
C TYR A 133 -18.14 -54.61 -13.09
N HIS A 134 -19.45 -54.41 -13.20
CA HIS A 134 -20.04 -53.21 -13.81
C HIS A 134 -20.74 -52.42 -12.70
N LYS A 135 -20.11 -51.32 -12.28
CA LYS A 135 -20.56 -50.58 -11.10
C LYS A 135 -21.88 -49.86 -11.32
N ASN A 136 -22.23 -49.56 -12.57
CA ASN A 136 -23.43 -48.80 -12.84
C ASN A 136 -24.69 -49.68 -13.01
N ASN A 137 -24.53 -51.02 -13.08
CA ASN A 137 -25.61 -52.01 -13.16
C ASN A 137 -25.73 -52.99 -11.97
N LYS A 138 -24.93 -52.78 -10.90
CA LYS A 138 -24.75 -53.80 -9.84
C LYS A 138 -24.47 -55.18 -10.36
N SER A 139 -23.84 -55.37 -11.51
CA SER A 139 -23.72 -56.77 -11.83
C SER A 139 -22.38 -57.06 -12.46
N TRP A 140 -22.09 -58.35 -12.46
CA TRP A 140 -20.97 -58.89 -13.18
C TRP A 140 -21.42 -59.16 -14.60
N MET A 141 -20.49 -58.98 -15.53
CA MET A 141 -20.78 -59.13 -16.93
C MET A 141 -19.59 -59.79 -17.59
N GLU A 142 -19.82 -60.29 -18.80
CA GLU A 142 -18.75 -60.96 -19.55
C GLU A 142 -18.45 -60.13 -20.79
N SER A 143 -17.18 -60.12 -21.17
CA SER A 143 -16.74 -59.40 -22.36
C SER A 143 -16.17 -60.40 -23.35
N GLU A 144 -16.78 -60.47 -24.54
CA GLU A 144 -16.21 -61.17 -25.70
C GLU A 144 -15.00 -60.52 -26.30
N PHE A 145 -14.64 -59.31 -25.89
CA PHE A 145 -13.26 -58.89 -26.08
C PHE A 145 -12.41 -59.84 -25.23
N ARG A 146 -11.10 -59.87 -25.48
CA ARG A 146 -10.21 -60.83 -24.82
C ARG A 146 -10.34 -62.21 -25.45
N VAL A 147 -11.42 -62.44 -26.20
CA VAL A 147 -11.55 -63.63 -27.05
C VAL A 147 -11.09 -63.35 -28.48
N TYR A 148 -11.60 -62.26 -29.06
CA TYR A 148 -11.25 -61.83 -30.41
C TYR A 148 -11.10 -60.32 -30.42
N SER A 149 -10.08 -59.84 -31.11
CA SER A 149 -9.91 -58.41 -31.29
C SER A 149 -10.72 -57.86 -32.46
N SER A 150 -11.12 -58.71 -33.39
CA SER A 150 -11.87 -58.30 -34.56
C SER A 150 -12.87 -59.40 -34.93
N ALA A 151 -13.99 -59.00 -35.53
CA ALA A 151 -15.01 -59.96 -35.93
C ALA A 151 -15.82 -59.35 -37.09
N ASN A 152 -15.55 -59.80 -38.30
CA ASN A 152 -16.23 -59.32 -39.49
C ASN A 152 -16.73 -60.49 -40.32
N ASN A 153 -17.59 -60.18 -41.30
CA ASN A 153 -18.21 -61.17 -42.18
C ASN A 153 -18.91 -62.27 -41.39
N CYS A 154 -19.89 -61.86 -40.58
CA CYS A 154 -20.68 -62.80 -39.81
C CYS A 154 -21.83 -63.33 -40.66
N THR A 155 -21.84 -64.64 -40.90
CA THR A 155 -22.84 -65.29 -41.74
C THR A 155 -23.86 -66.12 -40.98
N PHE A 156 -23.65 -66.36 -39.69
CA PHE A 156 -24.52 -67.26 -38.94
C PHE A 156 -24.55 -66.84 -37.48
N GLU A 157 -25.74 -66.76 -36.91
CA GLU A 157 -25.91 -66.45 -35.50
C GLU A 157 -27.11 -67.21 -34.95
N TYR A 158 -26.89 -68.00 -33.91
CA TYR A 158 -27.91 -68.84 -33.30
C TYR A 158 -27.97 -68.53 -31.80
N VAL A 159 -29.19 -68.38 -31.28
CA VAL A 159 -29.39 -67.99 -29.89
C VAL A 159 -30.55 -68.80 -29.31
N SER A 160 -30.30 -69.49 -28.20
CA SER A 160 -31.34 -70.21 -27.49
C SER A 160 -30.86 -70.48 -26.07
N GLN A 161 -31.53 -71.41 -25.38
CA GLN A 161 -31.16 -71.71 -24.00
C GLN A 161 -29.78 -72.37 -23.93
N PRO A 162 -29.06 -72.18 -22.82
CA PRO A 162 -27.69 -72.69 -22.76
C PRO A 162 -27.63 -74.21 -22.74
N PHE A 163 -26.44 -74.73 -23.00
CA PHE A 163 -26.22 -76.16 -23.08
C PHE A 163 -26.22 -76.79 -21.69
N LEU A 177 -21.97 -84.66 -14.48
CA LEU A 177 -21.12 -84.75 -15.67
C LEU A 177 -21.81 -84.19 -16.92
N ARG A 178 -21.05 -83.41 -17.69
CA ARG A 178 -21.54 -82.79 -18.92
C ARG A 178 -20.61 -83.23 -20.05
N GLU A 179 -21.16 -83.98 -21.01
CA GLU A 179 -20.37 -84.58 -22.08
C GLU A 179 -20.98 -84.20 -23.42
N PHE A 180 -20.11 -83.96 -24.40
CA PHE A 180 -20.54 -83.48 -25.71
C PHE A 180 -19.82 -84.26 -26.81
N VAL A 181 -20.50 -84.38 -27.95
CA VAL A 181 -19.93 -84.92 -29.17
C VAL A 181 -20.12 -83.90 -30.29
N PHE A 182 -19.02 -83.58 -30.97
CA PHE A 182 -19.00 -82.57 -32.02
C PHE A 182 -18.53 -83.21 -33.31
N LYS A 183 -19.34 -83.10 -34.36
CA LYS A 183 -18.90 -83.57 -35.67
C LYS A 183 -19.36 -82.60 -36.73
N ASN A 184 -18.53 -82.40 -37.75
CA ASN A 184 -18.75 -81.39 -38.78
C ASN A 184 -18.74 -82.10 -40.14
N ILE A 185 -19.91 -82.48 -40.64
CA ILE A 185 -20.02 -83.25 -41.88
C ILE A 185 -21.01 -82.58 -42.82
N ASP A 186 -20.67 -82.57 -44.12
CA ASP A 186 -21.55 -82.07 -45.18
C ASP A 186 -21.96 -80.62 -44.94
N GLY A 187 -21.03 -79.81 -44.42
CA GLY A 187 -21.31 -78.43 -44.10
C GLY A 187 -22.06 -78.20 -42.82
N TYR A 188 -22.54 -79.26 -42.17
CA TYR A 188 -23.29 -79.15 -40.92
C TYR A 188 -22.40 -79.44 -39.73
N PHE A 189 -22.65 -78.73 -38.64
CA PHE A 189 -21.94 -78.93 -37.38
C PHE A 189 -22.93 -79.52 -36.39
N LYS A 190 -22.75 -80.80 -36.07
CA LYS A 190 -23.71 -81.56 -35.30
C LYS A 190 -23.21 -81.74 -33.87
N ILE A 191 -24.14 -81.68 -32.92
CA ILE A 191 -23.81 -81.63 -31.49
C ILE A 191 -24.74 -82.55 -30.73
N TYR A 192 -24.17 -83.38 -29.86
CA TYR A 192 -24.91 -84.25 -28.98
C TYR A 192 -24.42 -84.04 -27.55
N SER A 193 -25.32 -84.13 -26.58
CA SER A 193 -24.97 -83.73 -25.23
C SER A 193 -25.71 -84.57 -24.19
N LYS A 194 -25.19 -84.52 -22.97
CA LYS A 194 -25.81 -85.11 -21.78
C LYS A 194 -25.14 -84.55 -20.52
N SER A 209 -25.50 -94.35 -21.13
CA SER A 209 -24.94 -93.40 -22.08
C SER A 209 -26.04 -92.78 -22.94
N ALA A 210 -25.82 -92.82 -24.26
CA ALA A 210 -26.77 -92.39 -25.28
C ALA A 210 -26.96 -90.87 -25.29
N LEU A 211 -25.96 -90.15 -25.80
CA LEU A 211 -26.01 -88.70 -25.94
C LEU A 211 -27.10 -88.25 -26.90
N GLU A 212 -28.13 -87.58 -26.39
CA GLU A 212 -29.21 -87.11 -27.24
C GLU A 212 -28.74 -85.98 -28.15
N PRO A 213 -29.29 -85.89 -29.36
CA PRO A 213 -28.90 -84.81 -30.26
C PRO A 213 -29.29 -83.45 -29.69
N LEU A 214 -28.31 -82.57 -29.54
CA LEU A 214 -28.58 -81.22 -29.06
C LEU A 214 -29.13 -80.36 -30.20
N VAL A 215 -28.28 -80.07 -31.17
CA VAL A 215 -28.66 -79.30 -32.35
C VAL A 215 -27.58 -79.51 -33.38
N ASP A 216 -27.92 -79.27 -34.64
CA ASP A 216 -26.94 -79.25 -35.71
C ASP A 216 -27.20 -78.06 -36.63
N LEU A 217 -26.11 -77.52 -37.17
CA LEU A 217 -26.05 -76.13 -37.59
C LEU A 217 -25.54 -76.02 -39.02
N PRO A 218 -26.27 -75.35 -39.91
CA PRO A 218 -25.76 -75.16 -41.28
C PRO A 218 -24.61 -74.17 -41.32
N ILE A 219 -23.51 -74.52 -40.67
CA ILE A 219 -22.33 -73.65 -40.64
C ILE A 219 -21.72 -73.53 -42.02
N GLY A 220 -21.42 -74.68 -42.64
CA GLY A 220 -20.82 -74.69 -43.95
C GLY A 220 -19.43 -74.10 -43.94
N ILE A 221 -18.56 -74.58 -43.05
CA ILE A 221 -17.22 -74.04 -42.96
C ILE A 221 -16.28 -75.21 -42.63
N ASN A 222 -15.01 -75.07 -42.99
CA ASN A 222 -14.03 -76.11 -42.72
C ASN A 222 -13.51 -75.98 -41.30
N ILE A 223 -13.43 -77.11 -40.59
CA ILE A 223 -13.03 -77.14 -39.19
C ILE A 223 -11.95 -78.20 -39.01
N THR A 224 -10.75 -77.78 -38.60
CA THR A 224 -9.64 -78.70 -38.37
C THR A 224 -9.06 -78.63 -36.97
N ARG A 225 -9.17 -77.50 -36.28
CA ARG A 225 -8.67 -77.37 -34.92
C ARG A 225 -9.70 -76.66 -34.06
N PHE A 226 -9.58 -76.82 -32.75
CA PHE A 226 -10.50 -76.18 -31.83
C PHE A 226 -9.80 -75.91 -30.50
N GLN A 227 -10.41 -75.04 -29.70
CA GLN A 227 -9.89 -74.63 -28.41
C GLN A 227 -11.04 -74.43 -27.44
N THR A 228 -10.84 -74.81 -26.18
CA THR A 228 -11.87 -74.66 -25.17
C THR A 228 -11.88 -73.22 -24.65
N LEU A 229 -13.08 -72.70 -24.42
CA LEU A 229 -13.26 -71.30 -24.06
C LEU A 229 -13.53 -71.19 -22.56
N LEU A 230 -12.63 -70.54 -21.85
CA LEU A 230 -12.67 -70.43 -20.39
C LEU A 230 -13.16 -69.06 -19.98
N ALA A 231 -13.87 -69.01 -18.85
CA ALA A 231 -14.32 -67.76 -18.26
C ALA A 231 -13.40 -67.38 -17.10
N LEU A 232 -12.79 -66.20 -17.18
CA LEU A 232 -11.92 -65.68 -16.14
C LEU A 232 -12.45 -64.34 -15.63
N HIS A 233 -12.27 -64.08 -14.34
CA HIS A 233 -12.77 -62.88 -13.72
C HIS A 233 -11.64 -62.07 -13.06
N ARG A 234 -11.95 -60.80 -12.77
CA ARG A 234 -11.03 -59.92 -12.08
C ARG A 234 -11.83 -58.86 -11.32
N SER A 235 -11.30 -58.47 -10.16
CA SER A 235 -11.97 -57.50 -9.31
C SER A 235 -10.93 -56.62 -8.63
N TYR A 236 -11.26 -55.33 -8.47
CA TYR A 236 -10.41 -54.39 -7.73
C TYR A 236 -10.93 -54.34 -6.30
N LEU A 237 -10.31 -55.12 -5.42
CA LEU A 237 -10.76 -55.25 -4.04
C LEU A 237 -9.68 -54.99 -3.00
N THR A 238 -8.42 -54.93 -3.38
CA THR A 238 -7.34 -54.57 -2.48
C THR A 238 -6.46 -53.53 -3.16
N PRO A 239 -5.89 -52.58 -2.40
CA PRO A 239 -5.16 -51.48 -3.03
C PRO A 239 -3.99 -51.93 -3.89
N GLY A 240 -3.50 -53.14 -3.70
CA GLY A 240 -2.42 -53.69 -4.50
C GLY A 240 -2.83 -54.63 -5.62
N ASP A 241 -4.12 -54.72 -5.94
CA ASP A 241 -4.57 -55.67 -6.96
C ASP A 241 -3.97 -55.32 -8.32
N SER A 242 -3.73 -56.36 -9.12
CA SER A 242 -3.21 -56.23 -10.46
C SER A 242 -4.33 -56.48 -11.47
N SER A 243 -4.44 -55.60 -12.47
CA SER A 243 -5.43 -55.77 -13.51
C SER A 243 -5.17 -57.00 -14.37
N SER A 244 -3.91 -57.45 -14.42
CA SER A 244 -3.53 -58.62 -15.21
C SER A 244 -3.86 -59.93 -14.50
N GLY A 245 -4.33 -59.87 -13.26
CA GLY A 245 -4.55 -61.08 -12.47
C GLY A 245 -5.89 -61.75 -12.71
N TRP A 246 -6.18 -62.09 -13.97
CA TRP A 246 -7.37 -62.88 -14.25
C TRP A 246 -7.22 -64.28 -13.66
N THR A 247 -8.31 -64.79 -13.08
CA THR A 247 -8.24 -66.05 -12.37
C THR A 247 -9.62 -66.71 -12.36
N ALA A 248 -9.63 -67.99 -12.01
CA ALA A 248 -10.84 -68.76 -11.79
C ALA A 248 -10.42 -70.06 -11.12
N GLY A 249 -11.41 -70.88 -10.76
CA GLY A 249 -11.12 -72.19 -10.23
C GLY A 249 -10.36 -73.05 -11.22
N ALA A 250 -9.79 -74.15 -10.72
CA ALA A 250 -9.11 -75.09 -11.60
C ALA A 250 -10.11 -75.80 -12.50
N ALA A 251 -9.83 -75.80 -13.80
CA ALA A 251 -10.71 -76.40 -14.79
C ALA A 251 -9.97 -77.49 -15.56
N ALA A 252 -10.68 -78.59 -15.85
CA ALA A 252 -10.08 -79.74 -16.52
C ALA A 252 -11.11 -80.38 -17.44
N TYR A 253 -10.67 -80.86 -18.59
CA TYR A 253 -11.61 -81.47 -19.53
C TYR A 253 -10.99 -82.67 -20.21
N TYR A 254 -11.85 -83.62 -20.57
CA TYR A 254 -11.48 -84.84 -21.29
C TYR A 254 -11.69 -84.64 -22.79
N VAL A 255 -10.70 -85.05 -23.58
CA VAL A 255 -10.80 -84.96 -25.03
C VAL A 255 -10.47 -86.31 -25.65
N GLY A 256 -11.39 -86.81 -26.48
CA GLY A 256 -11.15 -87.97 -27.32
C GLY A 256 -11.40 -87.62 -28.78
N TYR A 257 -11.17 -88.60 -29.64
CA TYR A 257 -11.34 -88.43 -31.08
C TYR A 257 -12.21 -89.54 -31.65
N LEU A 258 -13.06 -89.20 -32.62
CA LEU A 258 -14.00 -90.16 -33.17
C LEU A 258 -13.36 -90.94 -34.32
N GLN A 259 -13.76 -92.20 -34.45
CA GLN A 259 -13.19 -93.10 -35.45
C GLN A 259 -14.30 -93.69 -36.30
N PRO A 260 -13.99 -94.07 -37.57
CA PRO A 260 -15.02 -94.68 -38.43
C PRO A 260 -15.13 -96.17 -38.16
N ARG A 261 -16.12 -96.54 -37.35
CA ARG A 261 -16.23 -97.90 -36.86
C ARG A 261 -17.67 -98.38 -36.82
N THR A 262 -17.85 -99.62 -37.29
CA THR A 262 -19.18 -100.23 -37.24
C THR A 262 -19.59 -100.52 -35.79
N PHE A 263 -20.83 -100.18 -35.47
CA PHE A 263 -21.38 -100.39 -34.15
C PHE A 263 -22.72 -101.12 -34.28
N LEU A 264 -23.25 -101.51 -33.13
CA LEU A 264 -24.56 -102.14 -33.04
C LEU A 264 -25.31 -101.45 -31.91
N LEU A 265 -26.54 -101.01 -32.18
CA LEU A 265 -27.27 -100.18 -31.23
C LEU A 265 -28.58 -100.88 -30.89
N LYS A 266 -28.82 -101.11 -29.60
CA LYS A 266 -30.01 -101.80 -29.15
C LYS A 266 -31.05 -100.78 -28.70
N TYR A 267 -32.20 -100.78 -29.36
CA TYR A 267 -33.33 -99.93 -28.98
C TYR A 267 -34.41 -100.81 -28.37
N ASN A 268 -35.08 -100.29 -27.35
CA ASN A 268 -36.23 -100.96 -26.74
C ASN A 268 -37.52 -100.24 -27.15
N GLU A 269 -37.73 -99.04 -26.66
CA GLU A 269 -38.84 -98.20 -27.08
C GLU A 269 -38.39 -96.84 -27.57
N ASN A 270 -37.40 -96.23 -26.91
CA ASN A 270 -36.87 -94.94 -27.33
C ASN A 270 -35.34 -94.92 -27.31
N GLY A 271 -34.78 -94.68 -26.12
CA GLY A 271 -33.34 -94.50 -26.01
C GLY A 271 -32.56 -95.76 -26.32
N THR A 272 -31.35 -95.56 -26.83
CA THR A 272 -30.42 -96.65 -27.05
C THR A 272 -29.92 -97.19 -25.71
N ILE A 273 -30.04 -98.50 -25.52
CA ILE A 273 -29.79 -99.13 -24.23
C ILE A 273 -28.38 -99.70 -24.13
N THR A 274 -27.98 -100.52 -25.09
CA THR A 274 -26.68 -101.16 -25.09
C THR A 274 -26.03 -100.92 -26.44
N ASP A 275 -24.80 -101.37 -26.58
CA ASP A 275 -24.00 -101.07 -27.75
C ASP A 275 -22.85 -102.07 -27.82
N ALA A 276 -22.23 -102.17 -28.99
CA ALA A 276 -21.26 -103.23 -29.21
C ALA A 276 -20.30 -102.89 -30.34
N VAL A 277 -19.02 -103.19 -30.13
CA VAL A 277 -17.99 -103.02 -31.17
C VAL A 277 -16.89 -104.03 -30.93
N ASP A 278 -16.23 -104.43 -32.01
CA ASP A 278 -15.08 -105.33 -31.92
C ASP A 278 -14.13 -105.06 -33.09
N GLY B 8 -1.83 -30.74 -16.42
CA GLY B 8 -0.88 -29.71 -16.07
C GLY B 8 -1.47 -28.65 -15.15
N ALA B 9 -0.60 -27.85 -14.53
CA ALA B 9 -1.02 -26.82 -13.60
C ALA B 9 -1.95 -25.82 -14.28
N GLU B 10 -2.91 -25.31 -13.51
CA GLU B 10 -3.94 -24.41 -14.01
C GLU B 10 -3.96 -23.13 -13.19
N VAL B 11 -3.91 -21.98 -13.87
CA VAL B 11 -4.05 -20.67 -13.25
C VAL B 11 -5.40 -20.10 -13.65
N LYS B 12 -6.14 -19.56 -12.67
CA LYS B 12 -7.52 -19.16 -12.88
C LYS B 12 -7.83 -17.91 -12.09
N LYS B 13 -8.52 -16.98 -12.73
CA LYS B 13 -9.04 -15.82 -12.01
C LYS B 13 -10.19 -16.26 -11.10
N PRO B 14 -10.43 -15.54 -10.01
CA PRO B 14 -11.58 -15.88 -9.15
C PRO B 14 -12.89 -15.76 -9.92
N GLY B 15 -13.78 -16.72 -9.70
CA GLY B 15 -15.07 -16.75 -10.35
C GLY B 15 -15.13 -17.60 -11.61
N ALA B 16 -14.00 -18.13 -12.06
CA ALA B 16 -13.96 -18.95 -13.25
C ALA B 16 -14.23 -20.41 -12.87
N SER B 17 -13.93 -21.33 -13.78
CA SER B 17 -14.10 -22.75 -13.52
C SER B 17 -12.92 -23.51 -14.11
N VAL B 18 -12.68 -24.71 -13.56
CA VAL B 18 -11.58 -25.56 -13.97
C VAL B 18 -12.09 -26.99 -14.06
N LYS B 19 -11.49 -27.76 -14.97
CA LYS B 19 -11.86 -29.16 -15.19
C LYS B 19 -10.58 -30.01 -15.20
N VAL B 20 -10.32 -30.72 -14.09
CA VAL B 20 -9.12 -31.53 -13.94
C VAL B 20 -9.38 -32.93 -14.48
N SER B 21 -8.37 -33.52 -15.12
CA SER B 21 -8.44 -34.83 -15.74
C SER B 21 -7.57 -35.83 -15.00
N CYS B 22 -7.88 -37.12 -15.20
CA CYS B 22 -7.11 -38.21 -14.58
C CYS B 22 -7.27 -39.44 -15.46
N LYS B 23 -6.18 -39.87 -16.09
CA LYS B 23 -6.18 -41.01 -17.01
C LYS B 23 -5.75 -42.25 -16.24
N VAL B 24 -6.68 -43.18 -16.05
CA VAL B 24 -6.48 -44.34 -15.20
C VAL B 24 -6.24 -45.56 -16.09
N SER B 25 -5.09 -46.21 -15.94
CA SER B 25 -4.80 -47.45 -16.64
C SER B 25 -5.00 -48.64 -15.69
N GLY B 26 -4.87 -49.84 -16.25
CA GLY B 26 -5.08 -51.06 -15.48
C GLY B 26 -6.53 -51.52 -15.59
N TYR B 27 -7.22 -51.59 -14.45
CA TYR B 27 -8.67 -51.78 -14.49
C TYR B 27 -9.33 -50.61 -15.19
N THR B 28 -10.48 -50.87 -15.79
CA THR B 28 -11.22 -49.80 -16.43
C THR B 28 -12.05 -49.04 -15.40
N LEU B 29 -12.50 -47.84 -15.79
CA LEU B 29 -13.27 -46.99 -14.89
C LEU B 29 -14.58 -47.62 -14.46
N ILE B 30 -15.13 -48.55 -15.25
CA ILE B 30 -16.43 -49.12 -14.93
C ILE B 30 -16.35 -50.09 -13.76
N GLU B 31 -15.16 -50.60 -13.45
CA GLU B 31 -14.97 -51.59 -12.39
C GLU B 31 -14.18 -51.03 -11.21
N ILE B 32 -14.27 -49.72 -11.00
CA ILE B 32 -13.48 -49.00 -10.01
C ILE B 32 -14.27 -47.80 -9.51
N SER B 33 -14.15 -47.50 -8.22
CA SER B 33 -14.69 -46.28 -7.66
C SER B 33 -13.65 -45.17 -7.74
N ILE B 34 -14.07 -43.99 -8.20
CA ILE B 34 -13.20 -42.83 -8.33
C ILE B 34 -13.52 -41.84 -7.22
N HIS B 35 -12.49 -41.38 -6.51
CA HIS B 35 -12.60 -40.34 -5.49
C HIS B 35 -11.72 -39.15 -5.87
N TRP B 36 -12.06 -37.99 -5.33
CA TRP B 36 -11.26 -36.78 -5.51
C TRP B 36 -10.99 -36.16 -4.15
N VAL B 37 -9.71 -35.93 -3.85
CA VAL B 37 -9.31 -35.20 -2.66
C VAL B 37 -8.44 -34.03 -3.08
N ARG B 38 -8.43 -32.98 -2.26
CA ARG B 38 -7.59 -31.82 -2.50
C ARG B 38 -6.89 -31.43 -1.22
N GLN B 39 -5.78 -30.71 -1.36
CA GLN B 39 -4.98 -30.26 -0.23
C GLN B 39 -4.47 -28.86 -0.55
N ALA B 40 -4.93 -27.87 0.21
CA ALA B 40 -4.42 -26.52 0.05
C ALA B 40 -2.96 -26.46 0.48
N PRO B 41 -2.15 -25.59 -0.14
CA PRO B 41 -0.73 -25.51 0.23
C PRO B 41 -0.53 -25.23 1.71
N GLY B 42 0.14 -26.16 2.39
CA GLY B 42 0.41 -26.05 3.80
C GLY B 42 -0.66 -26.61 4.71
N LYS B 43 -1.84 -26.94 4.19
CA LYS B 43 -2.94 -27.45 4.99
C LYS B 43 -3.03 -28.97 4.79
N GLY B 44 -4.14 -29.56 5.26
CA GLY B 44 -4.33 -30.98 5.24
C GLY B 44 -5.24 -31.43 4.10
N LEU B 45 -5.53 -32.74 4.11
CA LEU B 45 -6.32 -33.34 3.05
C LEU B 45 -7.81 -33.08 3.26
N GLU B 46 -8.51 -32.81 2.16
CA GLU B 46 -9.95 -32.60 2.17
C GLU B 46 -10.60 -33.50 1.12
N TRP B 47 -11.54 -34.33 1.57
CA TRP B 47 -12.29 -35.20 0.66
C TRP B 47 -13.42 -34.42 0.01
N MET B 48 -13.47 -34.46 -1.32
CA MET B 48 -14.46 -33.72 -2.09
C MET B 48 -15.66 -34.58 -2.50
N GLY B 49 -15.40 -35.82 -2.92
CA GLY B 49 -16.48 -36.69 -3.35
C GLY B 49 -15.91 -37.99 -3.89
N GLY B 50 -16.80 -38.97 -4.01
CA GLY B 50 -16.37 -40.30 -4.43
C GLY B 50 -17.55 -41.22 -4.64
N PHE B 51 -17.26 -42.35 -5.28
CA PHE B 51 -18.27 -43.34 -5.64
C PHE B 51 -18.47 -44.31 -4.48
N ASP B 52 -19.68 -44.34 -3.95
CA ASP B 52 -20.02 -45.27 -2.87
C ASP B 52 -20.46 -46.59 -3.47
N PRO B 53 -19.81 -47.71 -3.14
CA PRO B 53 -20.26 -49.01 -3.70
C PRO B 53 -21.68 -49.35 -3.35
N GLU B 54 -22.09 -49.12 -2.10
CA GLU B 54 -23.45 -49.46 -1.67
C GLU B 54 -24.50 -48.56 -2.31
N ALA B 55 -24.13 -47.34 -2.68
CA ALA B 55 -25.09 -46.42 -3.28
C ALA B 55 -25.19 -46.56 -4.79
N GLY B 56 -24.17 -47.10 -5.44
CA GLY B 56 -24.17 -47.22 -6.88
C GLY B 56 -23.94 -45.93 -7.64
N GLU B 57 -23.68 -44.83 -6.93
CA GLU B 57 -23.45 -43.55 -7.58
C GLU B 57 -22.40 -42.76 -6.80
N THR B 58 -22.15 -41.54 -7.25
CA THR B 58 -21.15 -40.68 -6.64
C THR B 58 -21.79 -39.80 -5.57
N ILE B 59 -21.16 -39.74 -4.41
CA ILE B 59 -21.62 -38.93 -3.28
C ILE B 59 -20.66 -37.76 -3.10
N TYR B 60 -21.20 -36.59 -2.85
CA TYR B 60 -20.41 -35.37 -2.69
C TYR B 60 -20.46 -34.89 -1.25
N ALA B 61 -19.34 -34.38 -0.76
CA ALA B 61 -19.36 -33.68 0.51
C ALA B 61 -20.30 -32.48 0.40
N GLN B 62 -21.06 -32.23 1.48
CA GLN B 62 -22.13 -31.26 1.41
C GLN B 62 -21.59 -29.86 1.15
N LYS B 63 -20.35 -29.60 1.58
CA LYS B 63 -19.65 -28.36 1.26
C LYS B 63 -19.50 -28.13 -0.24
N PHE B 64 -19.54 -29.18 -1.06
CA PHE B 64 -19.24 -29.08 -2.48
C PHE B 64 -20.42 -29.39 -3.40
N GLN B 65 -21.55 -29.82 -2.86
CA GLN B 65 -22.71 -30.13 -3.70
C GLN B 65 -23.22 -28.87 -4.40
N GLY B 66 -23.36 -28.96 -5.72
CA GLY B 66 -23.79 -27.87 -6.54
C GLY B 66 -22.65 -27.12 -7.18
N ARG B 67 -21.45 -27.27 -6.67
CA ARG B 67 -20.35 -26.53 -7.25
C ARG B 67 -19.26 -27.45 -7.82
N VAL B 68 -19.30 -28.74 -7.52
CA VAL B 68 -18.38 -29.74 -8.04
C VAL B 68 -19.19 -30.79 -8.79
N THR B 69 -18.71 -31.20 -9.97
CA THR B 69 -19.35 -32.24 -10.76
C THR B 69 -18.28 -33.20 -11.27
N MET B 70 -18.47 -34.50 -11.01
CA MET B 70 -17.56 -35.53 -11.48
C MET B 70 -18.23 -36.32 -12.60
N THR B 71 -17.47 -36.60 -13.66
CA THR B 71 -17.98 -37.35 -14.80
C THR B 71 -16.88 -38.30 -15.28
N GLU B 72 -17.28 -39.28 -16.09
CA GLU B 72 -16.33 -40.28 -16.56
C GLU B 72 -16.53 -40.58 -18.04
N ASP B 73 -15.42 -40.80 -18.72
CA ASP B 73 -15.36 -41.08 -20.16
C ASP B 73 -14.88 -42.51 -20.30
N THR B 74 -15.83 -43.45 -20.32
CA THR B 74 -15.48 -44.87 -20.39
C THR B 74 -14.73 -45.22 -21.67
N SER B 75 -14.89 -44.42 -22.72
CA SER B 75 -14.11 -44.61 -23.94
C SER B 75 -12.63 -44.47 -23.68
N THR B 76 -12.22 -43.30 -23.17
CA THR B 76 -10.81 -43.01 -22.96
C THR B 76 -10.30 -43.47 -21.61
N ASP B 77 -11.19 -43.90 -20.72
CA ASP B 77 -10.83 -44.23 -19.34
C ASP B 77 -10.21 -43.04 -18.63
N THR B 78 -10.84 -41.88 -18.78
CA THR B 78 -10.41 -40.64 -18.14
C THR B 78 -11.50 -40.16 -17.19
N ALA B 79 -11.11 -39.86 -15.95
CA ALA B 79 -12.00 -39.32 -14.94
C ALA B 79 -11.85 -37.81 -14.88
N TYR B 80 -12.96 -37.10 -14.87
CA TYR B 80 -12.97 -35.65 -14.83
C TYR B 80 -13.67 -35.17 -13.57
N MET B 81 -13.27 -33.97 -13.12
CA MET B 81 -13.96 -33.25 -12.06
C MET B 81 -13.92 -31.78 -12.39
N GLU B 82 -15.07 -31.11 -12.30
CA GLU B 82 -15.19 -29.72 -12.68
C GLU B 82 -15.65 -28.91 -11.48
N VAL B 83 -14.82 -27.97 -11.05
CA VAL B 83 -15.16 -27.02 -9.98
C VAL B 83 -15.52 -25.70 -10.64
N SER B 84 -16.59 -25.07 -10.17
CA SER B 84 -17.09 -23.83 -10.74
C SER B 84 -17.11 -22.73 -9.69
N SER B 85 -17.20 -21.48 -10.17
CA SER B 85 -17.22 -20.29 -9.31
C SER B 85 -16.17 -20.38 -8.22
N LEU B 86 -14.94 -20.70 -8.66
CA LEU B 86 -13.87 -20.97 -7.74
C LEU B 86 -13.24 -19.71 -7.17
N ARG B 87 -12.97 -19.76 -5.88
CA ARG B 87 -12.48 -18.66 -5.07
C ARG B 87 -11.03 -18.98 -4.66
N SER B 88 -10.39 -18.07 -3.93
CA SER B 88 -8.97 -18.27 -3.66
C SER B 88 -8.75 -19.45 -2.71
N GLU B 89 -9.77 -19.87 -1.97
CA GLU B 89 -9.65 -21.00 -1.07
C GLU B 89 -9.57 -22.32 -1.81
N ASP B 90 -9.78 -22.31 -3.11
CA ASP B 90 -9.70 -23.49 -3.94
C ASP B 90 -8.32 -23.75 -4.52
N THR B 91 -7.37 -22.88 -4.22
CA THR B 91 -5.98 -23.18 -4.56
C THR B 91 -5.52 -24.38 -3.77
N ALA B 92 -5.19 -25.45 -4.48
CA ALA B 92 -4.85 -26.72 -3.86
C ALA B 92 -4.32 -27.65 -4.94
N VAL B 93 -3.70 -28.74 -4.50
CA VAL B 93 -3.35 -29.85 -5.38
C VAL B 93 -4.51 -30.83 -5.36
N TYR B 94 -4.99 -31.21 -6.55
CA TYR B 94 -6.17 -32.05 -6.69
C TYR B 94 -5.74 -33.46 -7.08
N TYR B 95 -6.10 -34.43 -6.25
CA TYR B 95 -5.73 -35.83 -6.45
C TYR B 95 -6.95 -36.66 -6.82
N CYS B 96 -6.85 -37.44 -7.89
CA CYS B 96 -7.80 -38.52 -8.12
C CYS B 96 -7.38 -39.73 -7.31
N ALA B 97 -8.38 -40.56 -6.95
CA ALA B 97 -8.13 -41.76 -6.17
C ALA B 97 -9.03 -42.88 -6.65
N THR B 98 -8.53 -44.11 -6.53
CA THR B 98 -9.22 -45.30 -6.98
C THR B 98 -9.61 -46.15 -5.79
N GLY B 99 -10.85 -46.63 -5.78
CA GLY B 99 -11.32 -47.50 -4.73
C GLY B 99 -12.19 -48.60 -5.27
N PRO B 100 -12.55 -49.56 -4.42
CA PRO B 100 -13.40 -50.67 -4.87
C PRO B 100 -14.82 -50.21 -5.14
N ALA B 101 -15.49 -50.96 -6.01
CA ALA B 101 -16.87 -50.66 -6.37
C ALA B 101 -17.86 -51.75 -5.99
N ILE B 102 -17.39 -52.96 -5.66
CA ILE B 102 -18.27 -54.08 -5.36
C ILE B 102 -18.77 -53.94 -3.93
N ALA B 103 -20.08 -53.71 -3.78
CA ALA B 103 -20.66 -53.54 -2.45
C ALA B 103 -20.75 -54.84 -1.66
N ALA B 104 -20.66 -55.99 -2.33
CA ALA B 104 -20.83 -57.25 -1.61
C ALA B 104 -19.62 -57.56 -0.74
N ALA B 105 -18.44 -57.15 -1.16
CA ALA B 105 -17.27 -57.28 -0.31
C ALA B 105 -17.35 -56.22 0.79
N GLU B 106 -16.68 -56.48 1.90
CA GLU B 106 -16.76 -55.52 3.00
C GLU B 106 -15.40 -54.86 3.19
N THR B 107 -14.94 -54.22 2.11
CA THR B 107 -13.77 -53.36 2.04
C THR B 107 -14.16 -52.05 1.37
N ASN B 108 -13.71 -50.94 1.94
CA ASN B 108 -13.96 -49.62 1.40
C ASN B 108 -12.78 -48.73 1.76
N TRP B 109 -12.27 -48.01 0.76
CA TRP B 109 -11.03 -47.24 0.86
C TRP B 109 -10.81 -46.59 -0.50
N PHE B 110 -9.89 -45.64 -0.54
CA PHE B 110 -9.42 -45.10 -1.81
C PHE B 110 -7.90 -44.96 -1.76
N ASP B 111 -7.27 -45.29 -2.87
CA ASP B 111 -5.83 -45.16 -3.03
C ASP B 111 -5.56 -44.09 -4.07
N LEU B 112 -4.77 -43.08 -3.71
CA LEU B 112 -4.50 -42.00 -4.64
C LEU B 112 -3.81 -42.55 -5.88
N TRP B 113 -4.07 -41.93 -7.02
CA TRP B 113 -3.62 -42.49 -8.29
C TRP B 113 -2.28 -41.90 -8.71
N GLY B 114 -2.29 -40.63 -9.10
CA GLY B 114 -1.08 -39.95 -9.53
C GLY B 114 -0.67 -38.86 -8.57
N GLN B 115 0.25 -38.02 -9.04
CA GLN B 115 0.85 -36.98 -8.20
C GLN B 115 0.02 -35.69 -8.18
N GLY B 116 -1.25 -35.76 -8.59
CA GLY B 116 -2.13 -34.62 -8.50
C GLY B 116 -1.83 -33.52 -9.50
N THR B 117 -2.75 -32.56 -9.63
CA THR B 117 -2.53 -31.36 -10.44
C THR B 117 -2.76 -30.13 -9.56
N LEU B 118 -1.85 -29.17 -9.66
CA LEU B 118 -2.00 -27.93 -8.91
C LEU B 118 -2.95 -27.00 -9.65
N VAL B 119 -3.80 -26.32 -8.88
CA VAL B 119 -4.75 -25.34 -9.43
C VAL B 119 -4.65 -24.10 -8.56
N THR B 120 -4.16 -23.01 -9.13
CA THR B 120 -4.00 -21.75 -8.42
C THR B 120 -5.10 -20.78 -8.84
N VAL B 121 -5.77 -20.19 -7.85
CA VAL B 121 -6.80 -19.19 -8.08
C VAL B 121 -6.32 -17.89 -7.45
N SER B 122 -6.15 -16.86 -8.28
CA SER B 122 -5.67 -15.58 -7.77
C SER B 122 -6.07 -14.47 -8.73
N SER B 123 -6.42 -13.32 -8.17
CA SER B 123 -6.73 -12.12 -8.92
C SER B 123 -5.56 -11.14 -8.95
N ALA B 124 -4.42 -11.50 -8.35
CA ALA B 124 -3.28 -10.62 -8.28
C ALA B 124 -2.51 -10.60 -9.60
N SER B 125 -1.86 -9.48 -9.87
CA SER B 125 -0.98 -9.32 -11.02
C SER B 125 0.36 -8.78 -10.53
N THR B 126 1.33 -8.76 -11.45
CA THR B 126 2.70 -8.38 -11.12
C THR B 126 2.75 -7.07 -10.37
N LYS B 127 3.34 -7.10 -9.18
CA LYS B 127 3.45 -5.92 -8.33
C LYS B 127 4.75 -5.99 -7.54
N GLY B 128 5.53 -4.92 -7.58
CA GLY B 128 6.75 -4.82 -6.82
C GLY B 128 6.46 -4.54 -5.35
N PRO B 129 7.43 -4.83 -4.48
CA PRO B 129 7.22 -4.66 -3.04
C PRO B 129 7.51 -3.25 -2.56
N SER B 130 6.78 -2.87 -1.52
CA SER B 130 7.14 -1.72 -0.70
C SER B 130 7.89 -2.22 0.52
N VAL B 131 9.00 -1.57 0.85
CA VAL B 131 9.94 -2.06 1.85
C VAL B 131 9.92 -1.12 3.04
N PHE B 132 9.78 -1.68 4.24
CA PHE B 132 9.75 -0.90 5.46
C PHE B 132 10.84 -1.37 6.41
N PRO B 133 11.49 -0.46 7.12
CA PRO B 133 12.53 -0.87 8.08
C PRO B 133 11.92 -1.41 9.35
N LEU B 134 12.49 -2.51 9.84
CA LEU B 134 12.18 -3.05 11.16
C LEU B 134 13.31 -2.62 12.09
N ALA B 135 13.14 -1.45 12.71
CA ALA B 135 14.18 -0.88 13.55
C ALA B 135 14.46 -1.78 14.75
N PRO B 136 15.72 -1.85 15.19
CA PRO B 136 16.03 -2.57 16.43
C PRO B 136 15.57 -1.82 17.66
N SER B 137 15.38 -2.57 18.74
CA SER B 137 14.93 -1.98 20.01
C SER B 137 16.10 -1.41 20.79
N GLY B 144 22.65 -8.36 24.80
CA GLY B 144 23.98 -8.21 24.24
C GLY B 144 23.97 -7.83 22.77
N THR B 145 23.09 -8.46 22.01
CA THR B 145 22.95 -8.26 20.57
C THR B 145 21.57 -7.71 20.26
N ALA B 146 21.33 -7.41 18.99
CA ALA B 146 20.07 -6.80 18.56
C ALA B 146 19.64 -7.36 17.21
N ALA B 147 18.32 -7.43 17.02
CA ALA B 147 17.72 -7.87 15.78
C ALA B 147 17.16 -6.67 15.03
N LEU B 148 17.46 -6.60 13.74
CA LEU B 148 16.93 -5.57 12.85
C LEU B 148 16.72 -6.19 11.49
N GLY B 149 15.87 -5.56 10.69
CA GLY B 149 15.59 -6.12 9.39
C GLY B 149 14.73 -5.25 8.50
N CYS B 150 14.17 -5.90 7.48
CA CYS B 150 13.33 -5.26 6.48
C CYS B 150 12.05 -6.05 6.31
N LEU B 151 10.94 -5.34 6.15
CA LEU B 151 9.64 -5.92 5.86
C LEU B 151 9.37 -5.72 4.38
N VAL B 152 9.44 -6.82 3.62
CA VAL B 152 9.18 -6.79 2.18
C VAL B 152 7.71 -7.10 1.98
N LYS B 153 6.92 -6.09 1.61
CA LYS B 153 5.48 -6.12 1.77
C LYS B 153 4.77 -6.05 0.43
N ASP B 154 3.79 -6.96 0.24
CA ASP B 154 2.78 -6.87 -0.82
C ASP B 154 3.40 -6.92 -2.23
N TYR B 155 3.92 -8.09 -2.57
CA TYR B 155 4.51 -8.31 -3.89
C TYR B 155 3.90 -9.55 -4.53
N PHE B 156 4.14 -9.69 -5.84
CA PHE B 156 3.62 -10.81 -6.62
C PHE B 156 4.29 -10.84 -7.98
N PRO B 157 4.72 -12.02 -8.46
CA PRO B 157 4.71 -13.30 -7.74
C PRO B 157 6.04 -13.60 -7.03
N GLU B 158 6.18 -14.81 -6.48
CA GLU B 158 7.45 -15.25 -5.97
C GLU B 158 8.48 -15.27 -7.10
N PRO B 159 9.78 -15.11 -6.80
CA PRO B 159 10.37 -14.85 -5.48
C PRO B 159 10.97 -13.44 -5.35
N VAL B 160 11.31 -13.03 -4.13
CA VAL B 160 12.14 -11.86 -3.92
C VAL B 160 13.44 -12.36 -3.30
N THR B 161 14.51 -11.62 -3.55
CA THR B 161 15.79 -11.95 -2.96
C THR B 161 16.18 -10.82 -2.01
N VAL B 162 16.71 -11.15 -0.83
CA VAL B 162 17.17 -10.13 0.10
C VAL B 162 18.61 -10.42 0.48
N SER B 163 19.46 -9.40 0.38
CA SER B 163 20.82 -9.46 0.87
C SER B 163 21.11 -8.18 1.64
N TRP B 164 22.18 -8.21 2.43
CA TRP B 164 22.54 -7.08 3.27
C TRP B 164 23.92 -6.56 2.89
N ASN B 165 24.04 -5.23 2.85
CA ASN B 165 25.31 -4.57 2.58
C ASN B 165 25.96 -5.09 1.30
N SER B 166 25.15 -5.24 0.26
CA SER B 166 25.61 -5.65 -1.07
C SER B 166 26.34 -6.99 -1.03
N GLY B 167 26.01 -7.84 -0.05
CA GLY B 167 26.62 -9.13 0.09
C GLY B 167 27.70 -9.20 1.15
N ALA B 168 28.22 -8.06 1.60
CA ALA B 168 29.29 -8.06 2.59
C ALA B 168 28.82 -8.70 3.90
N LEU B 169 27.57 -8.46 4.29
CA LEU B 169 27.02 -9.00 5.53
C LEU B 169 26.28 -10.30 5.23
N THR B 170 26.71 -11.40 5.85
CA THR B 170 26.04 -12.69 5.64
C THR B 170 25.81 -13.45 6.94
N SER B 171 26.64 -13.22 7.95
CA SER B 171 26.48 -13.91 9.22
C SER B 171 25.34 -13.30 10.02
N GLY B 172 24.49 -14.16 10.58
CA GLY B 172 23.36 -13.72 11.35
C GLY B 172 22.14 -13.33 10.54
N VAL B 173 22.14 -13.60 9.23
CA VAL B 173 21.03 -13.19 8.37
C VAL B 173 20.03 -14.34 8.28
N HIS B 174 18.77 -14.04 8.61
CA HIS B 174 17.66 -14.98 8.49
C HIS B 174 16.59 -14.36 7.61
N THR B 175 16.44 -14.88 6.39
CA THR B 175 15.37 -14.46 5.50
C THR B 175 14.23 -15.46 5.64
N PHE B 176 13.12 -15.01 6.19
CA PHE B 176 11.99 -15.88 6.47
C PHE B 176 11.17 -16.12 5.21
N PRO B 177 10.60 -17.31 5.05
CA PRO B 177 9.71 -17.57 3.92
C PRO B 177 8.51 -16.63 3.95
N ALA B 178 7.94 -16.39 2.78
CA ALA B 178 6.86 -15.42 2.62
C ALA B 178 5.52 -15.98 3.09
N VAL B 179 4.61 -15.07 3.44
CA VAL B 179 3.22 -15.39 3.71
C VAL B 179 2.39 -14.95 2.51
N LEU B 180 1.34 -15.73 2.20
CA LEU B 180 0.42 -15.45 1.10
C LEU B 180 -0.86 -14.84 1.69
N GLN B 181 -1.12 -13.52 1.47
CA GLN B 181 -2.08 -12.98 2.40
C GLN B 181 -3.41 -13.18 1.68
N SER B 182 -4.48 -12.65 2.25
CA SER B 182 -5.78 -12.82 1.60
C SER B 182 -5.86 -12.06 0.27
N SER B 183 -5.18 -10.90 0.14
CA SER B 183 -5.23 -10.12 -1.10
C SER B 183 -4.62 -10.81 -2.32
N GLY B 184 -4.02 -11.98 -2.11
CA GLY B 184 -3.30 -12.66 -3.15
C GLY B 184 -1.86 -12.21 -3.31
N LEU B 185 -1.39 -11.28 -2.47
CA LEU B 185 -0.01 -10.81 -2.51
C LEU B 185 0.82 -11.53 -1.44
N TYR B 186 2.14 -11.41 -1.58
CA TYR B 186 3.08 -12.02 -0.66
C TYR B 186 3.80 -10.96 0.16
N SER B 187 4.22 -11.36 1.36
CA SER B 187 5.08 -10.55 2.20
C SER B 187 6.05 -11.45 2.94
N LEU B 188 7.28 -10.99 3.12
CA LEU B 188 8.26 -11.71 3.93
C LEU B 188 9.09 -10.71 4.71
N SER B 189 9.91 -11.24 5.62
CA SER B 189 10.81 -10.45 6.44
C SER B 189 12.20 -11.05 6.38
N SER B 190 13.20 -10.19 6.51
CA SER B 190 14.60 -10.62 6.56
C SER B 190 15.27 -9.93 7.74
N VAL B 191 15.78 -10.72 8.68
CA VAL B 191 16.36 -10.21 9.91
C VAL B 191 17.83 -10.56 9.96
N VAL B 192 18.63 -9.61 10.45
CA VAL B 192 20.04 -9.81 10.75
C VAL B 192 20.25 -9.56 12.24
N THR B 193 20.99 -10.46 12.89
CA THR B 193 21.33 -10.32 14.31
C THR B 193 22.75 -9.77 14.41
N VAL B 194 22.90 -8.62 15.05
CA VAL B 194 24.16 -7.90 15.07
C VAL B 194 24.50 -7.52 16.51
N PRO B 195 25.77 -7.22 16.79
CA PRO B 195 26.12 -6.72 18.12
C PRO B 195 25.42 -5.40 18.41
N SER B 196 24.96 -5.26 19.65
CA SER B 196 24.24 -4.04 20.04
C SER B 196 25.17 -2.83 20.08
N SER B 197 26.47 -3.05 20.29
CA SER B 197 27.41 -1.93 20.34
C SER B 197 27.59 -1.29 18.98
N SER B 198 27.45 -2.06 17.90
CA SER B 198 27.64 -1.56 16.54
C SER B 198 26.44 -0.79 16.01
N LEU B 199 25.35 -0.69 16.79
CA LEU B 199 24.11 -0.13 16.26
C LEU B 199 24.27 1.33 15.85
N GLY B 200 25.15 2.07 16.53
CA GLY B 200 25.36 3.46 16.19
C GLY B 200 26.51 3.71 15.23
N THR B 201 27.31 2.69 14.94
CA THR B 201 28.52 2.85 14.15
C THR B 201 28.48 2.12 12.81
N GLN B 202 27.92 0.91 12.78
CA GLN B 202 27.87 0.12 11.56
C GLN B 202 26.57 0.40 10.81
N THR B 203 26.67 0.60 9.50
CA THR B 203 25.51 0.86 8.66
C THR B 203 24.95 -0.46 8.11
N TYR B 204 23.62 -0.58 8.14
CA TYR B 204 22.93 -1.77 7.70
C TYR B 204 21.92 -1.38 6.62
N ILE B 205 22.16 -1.87 5.40
CA ILE B 205 21.26 -1.67 4.27
C ILE B 205 20.82 -3.03 3.77
N CYS B 206 19.51 -3.22 3.62
CA CYS B 206 19.01 -4.44 3.01
C CYS B 206 18.73 -4.17 1.53
N ASN B 207 19.13 -5.10 0.69
CA ASN B 207 18.98 -4.97 -0.75
C ASN B 207 17.90 -5.95 -1.19
N VAL B 208 16.79 -5.41 -1.68
CA VAL B 208 15.65 -6.20 -2.13
C VAL B 208 15.65 -6.20 -3.66
N ASN B 209 15.46 -7.38 -4.23
CA ASN B 209 15.43 -7.56 -5.68
C ASN B 209 14.24 -8.43 -6.03
N HIS B 210 13.34 -7.91 -6.86
CA HIS B 210 12.15 -8.61 -7.31
C HIS B 210 12.21 -8.71 -8.83
N LYS B 211 12.87 -9.74 -9.34
CA LYS B 211 12.99 -9.91 -10.79
C LYS B 211 11.66 -9.95 -11.53
N PRO B 212 10.61 -10.63 -11.05
CA PRO B 212 9.35 -10.67 -11.82
C PRO B 212 8.77 -9.31 -12.18
N SER B 213 9.01 -8.29 -11.35
CA SER B 213 8.57 -6.94 -11.66
C SER B 213 9.71 -6.00 -11.99
N ASN B 214 10.94 -6.50 -12.07
CA ASN B 214 12.14 -5.69 -12.25
C ASN B 214 12.14 -4.49 -11.29
N THR B 215 12.07 -4.81 -10.01
CA THR B 215 12.14 -3.80 -8.95
C THR B 215 13.35 -4.08 -8.07
N LYS B 216 14.11 -3.05 -7.76
CA LYS B 216 15.22 -3.16 -6.83
C LYS B 216 15.09 -2.03 -5.82
N VAL B 217 15.20 -2.39 -4.53
CA VAL B 217 15.09 -1.41 -3.45
C VAL B 217 16.28 -1.59 -2.52
N ASP B 218 16.94 -0.47 -2.20
CA ASP B 218 17.91 -0.39 -1.12
C ASP B 218 17.37 0.52 -0.05
N LYS B 219 17.42 0.07 1.20
CA LYS B 219 16.89 0.83 2.33
C LYS B 219 17.79 0.63 3.54
N LYS B 220 18.18 1.75 4.14
CA LYS B 220 19.01 1.70 5.33
C LYS B 220 18.13 1.47 6.56
N VAL B 221 18.45 0.44 7.35
CA VAL B 221 17.71 0.16 8.58
C VAL B 221 18.48 0.82 9.71
N GLU B 222 17.79 1.63 10.49
CA GLU B 222 18.45 2.61 11.34
C GLU B 222 17.70 2.72 12.66
N PRO B 223 18.43 2.78 13.79
CA PRO B 223 17.78 2.79 15.10
C PRO B 223 16.72 3.88 15.24
N LYS B 224 15.61 3.52 15.88
CA LYS B 224 14.51 4.45 16.08
C LYS B 224 14.88 5.57 17.06
N ALA C 3 -15.21 -33.67 11.01
CA ALA C 3 -13.77 -33.83 11.10
C ALA C 3 -13.40 -34.84 12.18
N LEU C 4 -12.35 -35.61 11.93
CA LEU C 4 -11.75 -36.45 12.96
C LEU C 4 -10.61 -35.70 13.63
N THR C 5 -10.36 -36.02 14.88
CA THR C 5 -9.38 -35.29 15.70
C THR C 5 -8.12 -36.13 15.84
N GLN C 6 -6.99 -35.55 15.44
CA GLN C 6 -5.66 -36.12 15.66
C GLN C 6 -4.82 -35.12 16.44
N PRO C 7 -3.81 -35.59 17.19
CA PRO C 7 -2.85 -34.66 17.79
C PRO C 7 -2.08 -33.93 16.70
N ALA C 8 -1.79 -32.65 16.95
CA ALA C 8 -1.07 -31.87 15.95
C ALA C 8 0.27 -32.50 15.62
N SER C 9 1.02 -32.91 16.63
CA SER C 9 2.38 -33.41 16.40
C SER C 9 2.72 -34.50 17.42
N VAL C 10 3.65 -35.36 17.01
CA VAL C 10 4.14 -36.49 17.80
C VAL C 10 5.60 -36.72 17.41
N SER C 11 6.44 -37.02 18.40
CA SER C 11 7.84 -37.25 18.14
C SER C 11 8.32 -38.48 18.90
N GLY C 12 9.42 -39.05 18.42
CA GLY C 12 10.01 -40.21 19.04
C GLY C 12 11.41 -40.46 18.54
N SER C 13 12.16 -41.24 19.30
CA SER C 13 13.54 -41.57 18.94
C SER C 13 13.57 -42.82 18.06
N PRO C 14 14.62 -42.97 17.24
CA PRO C 14 14.70 -44.16 16.37
C PRO C 14 14.71 -45.44 17.17
N GLY C 15 13.98 -46.44 16.68
CA GLY C 15 13.83 -47.71 17.34
C GLY C 15 12.66 -47.80 18.29
N GLN C 16 12.15 -46.67 18.77
CA GLN C 16 11.05 -46.65 19.73
C GLN C 16 9.72 -46.92 19.04
N SER C 17 8.66 -47.00 19.83
CA SER C 17 7.31 -47.06 19.32
C SER C 17 6.56 -45.77 19.65
N ILE C 18 5.63 -45.41 18.75
CA ILE C 18 4.71 -44.29 18.95
C ILE C 18 3.35 -44.70 18.42
N THR C 19 2.35 -43.96 18.88
CA THR C 19 0.98 -44.15 18.44
C THR C 19 0.37 -42.81 18.09
N ILE C 20 -0.41 -42.78 17.01
CA ILE C 20 -1.21 -41.62 16.62
C ILE C 20 -2.68 -42.00 16.75
N SER C 21 -3.44 -41.20 17.47
CA SER C 21 -4.85 -41.49 17.71
C SER C 21 -5.72 -40.71 16.74
N CYS C 22 -6.92 -41.23 16.48
CA CYS C 22 -7.89 -40.66 15.55
C CYS C 22 -9.27 -40.79 16.17
N THR C 23 -9.69 -39.74 16.88
CA THR C 23 -10.95 -39.76 17.62
C THR C 23 -12.08 -39.30 16.71
N GLY C 24 -13.00 -40.21 16.38
CA GLY C 24 -14.17 -39.85 15.61
C GLY C 24 -15.43 -39.81 16.45
N THR C 25 -16.56 -40.15 15.85
CA THR C 25 -17.84 -40.20 16.54
C THR C 25 -18.59 -41.46 16.10
N SER C 26 -19.82 -41.60 16.58
CA SER C 26 -20.65 -42.74 16.19
C SER C 26 -20.97 -42.73 14.70
N SER C 27 -20.82 -41.60 14.03
CA SER C 27 -21.16 -41.50 12.61
C SER C 27 -20.06 -42.01 11.69
N ASP C 28 -18.90 -42.40 12.22
CA ASP C 28 -17.80 -42.75 11.31
C ASP C 28 -16.89 -43.86 11.84
N VAL C 29 -16.10 -43.60 12.88
CA VAL C 29 -15.25 -44.68 13.40
C VAL C 29 -16.07 -45.65 14.25
N GLY C 30 -17.12 -45.16 14.91
CA GLY C 30 -17.90 -46.03 15.79
C GLY C 30 -18.77 -47.02 15.05
N SER C 31 -19.18 -46.72 13.82
CA SER C 31 -20.15 -47.53 13.11
C SER C 31 -19.61 -48.28 11.91
N TYR C 32 -18.35 -48.07 11.53
CA TYR C 32 -17.82 -48.71 10.34
C TYR C 32 -16.37 -49.13 10.57
N ASN C 33 -15.97 -50.21 9.91
CA ASN C 33 -14.58 -50.67 9.88
C ASN C 33 -13.84 -50.17 8.65
N TYR C 34 -14.05 -48.90 8.29
CA TYR C 34 -13.41 -48.33 7.12
C TYR C 34 -12.51 -47.16 7.51
N VAL C 35 -11.49 -47.42 8.31
CA VAL C 35 -10.52 -46.41 8.71
C VAL C 35 -9.24 -46.61 7.90
N SER C 36 -8.83 -45.56 7.18
CA SER C 36 -7.59 -45.58 6.43
C SER C 36 -6.57 -44.63 7.05
N TRP C 37 -5.29 -44.94 6.85
CA TRP C 37 -4.20 -44.09 7.32
C TRP C 37 -3.30 -43.77 6.13
N TYR C 38 -2.94 -42.49 6.00
CA TYR C 38 -2.14 -42.02 4.88
C TYR C 38 -0.85 -41.40 5.38
N GLN C 39 0.24 -41.65 4.65
CA GLN C 39 1.55 -41.07 4.94
C GLN C 39 1.92 -40.09 3.84
N GLN C 40 2.42 -38.91 4.22
CA GLN C 40 2.77 -37.88 3.25
C GLN C 40 4.14 -37.30 3.58
N HIS C 41 5.10 -37.56 2.70
CA HIS C 41 6.39 -36.87 2.74
C HIS C 41 6.29 -35.54 2.00
N PRO C 42 7.16 -34.58 2.33
CA PRO C 42 7.08 -33.25 1.71
C PRO C 42 7.05 -33.33 0.19
N GLY C 43 6.05 -32.70 -0.41
CA GLY C 43 5.99 -32.61 -1.86
C GLY C 43 5.56 -33.86 -2.56
N LYS C 44 5.09 -34.82 -1.82
CA LYS C 44 4.72 -36.06 -2.48
C LYS C 44 3.26 -36.44 -2.08
N ALA C 45 2.63 -37.26 -2.94
CA ALA C 45 1.20 -37.55 -2.79
C ALA C 45 1.03 -38.50 -1.62
N PRO C 46 -0.04 -38.38 -0.84
CA PRO C 46 -0.23 -39.28 0.30
C PRO C 46 -0.23 -40.75 -0.13
N LYS C 47 0.37 -41.58 0.71
CA LYS C 47 0.50 -43.02 0.45
C LYS C 47 -0.35 -43.80 1.44
N LEU C 48 -1.17 -44.71 0.91
CA LEU C 48 -2.03 -45.53 1.75
C LEU C 48 -1.19 -46.52 2.56
N MET C 49 -1.30 -46.44 3.89
CA MET C 49 -0.55 -47.28 4.82
C MET C 49 -1.41 -48.33 5.48
N ILE C 50 -2.64 -47.99 5.85
CA ILE C 50 -3.58 -48.89 6.50
C ILE C 50 -4.94 -48.64 5.86
N TYR C 51 -5.70 -49.71 5.65
CA TYR C 51 -7.08 -49.59 5.21
C TYR C 51 -7.91 -50.62 5.95
N ASP C 52 -9.19 -50.31 6.13
CA ASP C 52 -10.12 -51.18 6.86
C ASP C 52 -9.59 -51.44 8.27
N VAL C 53 -9.14 -50.37 8.93
CA VAL C 53 -8.71 -50.35 10.31
C VAL C 53 -7.36 -51.03 10.49
N THR C 54 -7.22 -52.27 9.99
CA THR C 54 -6.03 -53.07 10.31
C THR C 54 -5.19 -53.54 9.12
N LYS C 55 -5.72 -53.55 7.90
CA LYS C 55 -5.04 -54.21 6.79
C LYS C 55 -4.00 -53.31 6.12
N ARG C 56 -2.86 -53.91 5.70
CA ARG C 56 -1.84 -53.07 5.07
C ARG C 56 -1.73 -53.45 3.60
N PRO C 57 -1.59 -52.49 2.71
CA PRO C 57 -1.33 -52.83 1.31
C PRO C 57 0.04 -53.49 1.15
N SER C 58 0.16 -54.25 0.06
CA SER C 58 1.44 -54.89 -0.27
C SER C 58 2.54 -53.85 -0.39
N GLY C 59 3.66 -54.12 0.27
CA GLY C 59 4.79 -53.22 0.31
C GLY C 59 4.94 -52.47 1.63
N VAL C 60 3.83 -52.19 2.31
CA VAL C 60 3.91 -51.49 3.60
C VAL C 60 4.47 -52.44 4.65
N PRO C 61 5.50 -52.04 5.39
CA PRO C 61 6.10 -52.94 6.40
C PRO C 61 5.14 -53.22 7.55
N ASP C 62 5.42 -54.32 8.24
CA ASP C 62 4.59 -54.73 9.37
C ASP C 62 4.82 -53.91 10.62
N ARG C 63 5.76 -52.97 10.59
CA ARG C 63 5.92 -52.04 11.70
C ARG C 63 4.71 -51.11 11.84
N PHE C 64 3.98 -50.89 10.76
CA PHE C 64 2.76 -50.11 10.77
C PHE C 64 1.59 -51.02 11.08
N SER C 65 0.80 -50.67 12.10
CA SER C 65 -0.38 -51.45 12.46
C SER C 65 -1.49 -50.51 12.90
N GLY C 66 -2.72 -50.94 12.66
CA GLY C 66 -3.89 -50.15 12.99
C GLY C 66 -4.81 -50.89 13.94
N SER C 67 -5.55 -50.12 14.73
CA SER C 67 -6.53 -50.68 15.65
C SER C 67 -7.65 -49.66 15.85
N LYS C 68 -8.75 -50.14 16.42
CA LYS C 68 -9.91 -49.30 16.68
C LYS C 68 -10.50 -49.70 18.02
N SER C 69 -10.96 -48.72 18.77
CA SER C 69 -11.67 -48.97 20.02
C SER C 69 -12.69 -47.86 20.21
N GLY C 70 -13.95 -48.23 20.33
CA GLY C 70 -15.00 -47.23 20.41
C GLY C 70 -15.00 -46.36 19.18
N ASN C 71 -14.92 -45.05 19.40
CA ASN C 71 -14.86 -44.07 18.33
C ASN C 71 -13.42 -43.65 18.03
N THR C 72 -12.43 -44.36 18.54
CA THR C 72 -11.03 -43.97 18.44
C THR C 72 -10.25 -45.01 17.66
N ALA C 73 -9.65 -44.59 16.56
CA ALA C 73 -8.72 -45.40 15.78
C ALA C 73 -7.30 -45.00 16.09
N SER C 74 -6.38 -45.96 15.98
CA SER C 74 -4.98 -45.70 16.32
C SER C 74 -4.06 -46.30 15.27
N LEU C 75 -3.02 -45.56 14.92
CA LEU C 75 -1.91 -46.08 14.13
C LEU C 75 -0.68 -46.15 15.02
N THR C 76 0.01 -47.29 14.99
CA THR C 76 1.19 -47.52 15.81
C THR C 76 2.35 -47.90 14.90
N ILE C 77 3.50 -47.28 15.14
CA ILE C 77 4.72 -47.54 14.37
C ILE C 77 5.77 -48.08 15.34
N SER C 78 6.24 -49.30 15.07
CA SER C 78 7.28 -49.91 15.88
C SER C 78 8.63 -49.78 15.17
N GLY C 79 9.69 -49.56 15.95
CA GLY C 79 11.01 -49.42 15.39
C GLY C 79 11.15 -48.23 14.46
N LEU C 80 10.96 -47.03 15.01
CA LEU C 80 10.97 -45.81 14.21
C LEU C 80 12.21 -45.73 13.33
N GLN C 81 11.99 -45.45 12.05
CA GLN C 81 13.06 -45.24 11.09
C GLN C 81 13.10 -43.76 10.74
N ALA C 82 14.26 -43.29 10.29
CA ALA C 82 14.38 -41.91 9.86
C ALA C 82 13.40 -41.59 8.73
N GLU C 83 13.14 -42.55 7.85
CA GLU C 83 12.22 -42.33 6.73
C GLU C 83 10.76 -42.30 7.15
N ASP C 84 10.45 -42.64 8.41
CA ASP C 84 9.07 -42.60 8.87
C ASP C 84 8.59 -41.20 9.21
N GLU C 85 9.50 -40.25 9.40
CA GLU C 85 9.16 -38.85 9.63
C GLU C 85 8.35 -38.29 8.48
N ALA C 86 7.07 -37.99 8.72
CA ALA C 86 6.16 -37.51 7.69
C ALA C 86 4.89 -37.04 8.38
N ASP C 87 3.92 -36.61 7.56
CA ASP C 87 2.58 -36.29 8.04
C ASP C 87 1.67 -37.50 7.89
N TYR C 88 0.85 -37.74 8.91
CA TYR C 88 -0.06 -38.88 8.92
C TYR C 88 -1.49 -38.39 9.08
N TYR C 89 -2.36 -38.86 8.19
CA TYR C 89 -3.78 -38.51 8.18
C TYR C 89 -4.61 -39.77 8.35
N CYS C 90 -5.59 -39.73 9.23
CA CYS C 90 -6.58 -40.80 9.26
C CYS C 90 -7.80 -40.40 8.43
N SER C 91 -8.56 -41.41 8.03
CA SER C 91 -9.74 -41.19 7.20
C SER C 91 -10.78 -42.24 7.52
N SER C 92 -12.04 -41.84 7.55
CA SER C 92 -13.11 -42.75 7.92
C SER C 92 -14.32 -42.57 7.03
N TYR C 93 -14.95 -43.69 6.70
CA TYR C 93 -16.26 -43.68 6.08
C TYR C 93 -17.28 -43.12 7.09
N THR C 94 -18.29 -42.43 6.58
CA THR C 94 -19.30 -41.81 7.41
C THR C 94 -20.68 -42.35 7.04
N SER C 95 -21.61 -42.26 7.98
CA SER C 95 -22.99 -42.68 7.75
C SER C 95 -23.72 -41.79 6.75
N SER C 96 -23.07 -40.77 6.20
CA SER C 96 -23.59 -40.00 5.09
C SER C 96 -23.04 -40.48 3.75
N SER C 97 -22.43 -41.66 3.73
CA SER C 97 -21.80 -42.26 2.55
C SER C 97 -20.64 -41.39 2.01
N THR C 98 -20.08 -40.53 2.86
CA THR C 98 -18.96 -39.68 2.51
C THR C 98 -17.72 -40.13 3.27
N TRP C 99 -16.59 -39.52 2.93
CA TRP C 99 -15.33 -39.71 3.64
C TRP C 99 -14.90 -38.40 4.28
N VAL C 100 -14.28 -38.50 5.46
CA VAL C 100 -13.73 -37.35 6.16
C VAL C 100 -12.30 -37.65 6.55
N PHE C 101 -11.52 -36.60 6.75
CA PHE C 101 -10.12 -36.68 7.10
C PHE C 101 -9.89 -36.08 8.47
N GLY C 102 -8.84 -36.55 9.13
CA GLY C 102 -8.35 -35.88 10.31
C GLY C 102 -7.48 -34.71 9.94
N GLY C 103 -7.15 -33.89 10.93
CA GLY C 103 -6.35 -32.71 10.66
C GLY C 103 -4.91 -33.01 10.28
N GLY C 104 -4.46 -34.24 10.43
CA GLY C 104 -3.07 -34.57 10.19
C GLY C 104 -2.22 -34.49 11.43
N THR C 105 -1.28 -35.44 11.57
CA THR C 105 -0.34 -35.46 12.68
C THR C 105 1.07 -35.40 12.10
N LYS C 106 1.80 -34.33 12.45
CA LYS C 106 3.20 -34.26 12.08
C LYS C 106 4.02 -35.19 12.97
N LEU C 107 4.82 -36.05 12.34
CA LEU C 107 5.57 -37.08 13.05
C LEU C 107 7.06 -36.82 12.86
N THR C 108 7.76 -36.55 13.96
CA THR C 108 9.19 -36.25 13.92
C THR C 108 9.98 -37.39 14.53
N VAL C 109 10.96 -37.90 13.77
CA VAL C 109 11.92 -38.86 14.30
C VAL C 109 13.11 -38.06 14.84
N LEU C 110 13.22 -37.97 16.17
CA LEU C 110 14.12 -37.03 16.81
C LEU C 110 15.57 -37.27 16.40
N GLY C 111 16.24 -36.21 15.98
CA GLY C 111 17.62 -36.29 15.56
C GLY C 111 18.53 -35.30 16.26
N GLN C 112 17.96 -34.49 17.16
CA GLN C 112 18.72 -33.51 17.92
C GLN C 112 17.90 -33.12 19.14
N PRO C 113 18.52 -32.48 20.14
CA PRO C 113 17.76 -32.07 21.33
C PRO C 113 16.64 -31.10 20.98
N LYS C 114 15.52 -31.25 21.68
CA LYS C 114 14.40 -30.32 21.51
C LYS C 114 14.84 -28.92 21.88
N ALA C 115 14.35 -27.93 21.11
CA ALA C 115 14.73 -26.54 21.30
C ALA C 115 13.49 -25.66 21.32
N ALA C 116 13.49 -24.67 22.21
CA ALA C 116 12.38 -23.74 22.30
C ALA C 116 12.55 -22.61 21.28
N PRO C 117 11.46 -22.10 20.71
CA PRO C 117 11.58 -21.08 19.68
C PRO C 117 12.01 -19.74 20.25
N SER C 118 12.85 -19.03 19.49
CA SER C 118 13.12 -17.63 19.73
C SER C 118 12.05 -16.82 19.02
N VAL C 119 11.51 -15.82 19.72
CA VAL C 119 10.40 -15.02 19.22
C VAL C 119 10.82 -13.56 19.24
N THR C 120 10.74 -12.90 18.09
CA THR C 120 11.04 -11.49 17.97
C THR C 120 9.80 -10.80 17.42
N LEU C 121 9.34 -9.74 18.10
CA LEU C 121 8.13 -9.02 17.70
C LEU C 121 8.49 -7.59 17.32
N PHE C 122 8.13 -7.19 16.09
CA PHE C 122 8.41 -5.84 15.63
C PHE C 122 7.13 -5.01 15.57
N PRO C 123 7.13 -3.81 16.14
CA PRO C 123 5.95 -2.94 16.03
C PRO C 123 5.85 -2.33 14.64
N PRO C 124 4.74 -1.67 14.31
CA PRO C 124 4.66 -0.99 13.02
C PRO C 124 5.66 0.14 12.93
N SER C 125 6.32 0.24 11.78
CA SER C 125 7.28 1.30 11.56
C SER C 125 6.55 2.62 11.31
N SER C 126 7.23 3.73 11.64
CA SER C 126 6.61 5.03 11.42
C SER C 126 6.37 5.28 9.93
N GLU C 127 7.26 4.79 9.07
CA GLU C 127 7.06 4.93 7.63
C GLU C 127 5.77 4.24 7.18
N GLU C 128 5.48 3.06 7.74
CA GLU C 128 4.26 2.36 7.35
C GLU C 128 3.01 3.03 7.90
N LEU C 129 3.10 3.55 9.14
CA LEU C 129 1.95 4.25 9.72
C LEU C 129 1.52 5.42 8.86
N GLN C 130 2.48 6.17 8.32
CA GLN C 130 2.17 7.29 7.44
C GLN C 130 1.56 6.86 6.11
N ALA C 131 1.54 5.56 5.81
CA ALA C 131 0.84 5.03 4.64
C ALA C 131 -0.55 4.50 4.99
N ASN C 132 -1.05 4.83 6.18
CA ASN C 132 -2.39 4.40 6.65
C ASN C 132 -2.48 2.87 6.74
N LYS C 133 -1.38 2.23 7.15
CA LYS C 133 -1.32 0.79 7.34
C LYS C 133 -0.45 0.48 8.55
N ALA C 134 -0.70 -0.66 9.18
CA ALA C 134 0.04 -1.06 10.37
C ALA C 134 0.20 -2.58 10.38
N THR C 135 1.44 -3.05 10.41
CA THR C 135 1.72 -4.48 10.39
C THR C 135 2.61 -4.83 11.56
N LEU C 136 2.20 -5.83 12.34
CA LEU C 136 3.01 -6.40 13.41
C LEU C 136 3.68 -7.66 12.88
N VAL C 137 5.00 -7.76 13.07
CA VAL C 137 5.77 -8.86 12.53
C VAL C 137 6.31 -9.69 13.69
N CYS C 138 5.90 -10.95 13.74
CA CYS C 138 6.34 -11.90 14.76
C CYS C 138 7.15 -12.99 14.07
N LEU C 139 8.45 -13.01 14.33
CA LEU C 139 9.36 -13.95 13.71
C LEU C 139 9.80 -14.99 14.72
N ILE C 140 9.66 -16.26 14.35
CA ILE C 140 9.83 -17.40 15.24
C ILE C 140 10.91 -18.28 14.64
N SER C 141 11.96 -18.58 15.42
CA SER C 141 13.08 -19.31 14.87
C SER C 141 13.65 -20.30 15.89
N ASP C 142 14.37 -21.29 15.36
CA ASP C 142 15.20 -22.20 16.16
C ASP C 142 14.39 -23.06 17.13
N PHE C 143 13.35 -23.70 16.62
CA PHE C 143 12.59 -24.64 17.42
C PHE C 143 12.58 -26.02 16.76
N TYR C 144 12.60 -27.06 17.60
CA TYR C 144 12.63 -28.43 17.17
C TYR C 144 11.87 -29.23 18.24
N PRO C 145 10.94 -30.11 17.83
CA PRO C 145 10.52 -30.39 16.46
C PRO C 145 9.73 -29.22 15.83
N GLY C 146 9.46 -29.33 14.53
CA GLY C 146 8.88 -28.21 13.79
C GLY C 146 7.38 -28.12 13.83
N ALA C 147 6.83 -27.87 15.03
CA ALA C 147 5.39 -27.71 15.20
C ALA C 147 5.15 -26.64 16.24
N VAL C 148 4.45 -25.57 15.85
CA VAL C 148 4.14 -24.46 16.75
C VAL C 148 2.72 -23.98 16.47
N THR C 149 2.21 -23.17 17.38
CA THR C 149 0.95 -22.44 17.18
C THR C 149 1.16 -21.01 17.62
N VAL C 150 0.46 -20.09 16.94
CA VAL C 150 0.58 -18.67 17.21
C VAL C 150 -0.79 -18.13 17.59
N ALA C 151 -0.82 -17.30 18.63
CA ALA C 151 -2.02 -16.58 19.03
C ALA C 151 -1.66 -15.14 19.33
N TRP C 152 -2.50 -14.22 18.86
CA TRP C 152 -2.32 -12.81 19.11
C TRP C 152 -3.31 -12.30 20.15
N LYS C 153 -2.88 -11.34 20.97
CA LYS C 153 -3.71 -10.73 21.99
C LYS C 153 -3.65 -9.21 21.86
N ALA C 154 -4.81 -8.56 21.78
CA ALA C 154 -4.92 -7.11 21.89
C ALA C 154 -5.30 -6.78 23.33
N ASP C 155 -4.38 -6.16 24.05
CA ASP C 155 -4.44 -6.12 25.51
C ASP C 155 -4.51 -7.55 26.02
N SER C 156 -5.63 -7.94 26.62
CA SER C 156 -5.80 -9.30 27.12
C SER C 156 -6.79 -10.14 26.31
N SER C 157 -7.31 -9.60 25.20
CA SER C 157 -8.33 -10.30 24.44
C SER C 157 -7.75 -10.95 23.20
N PRO C 158 -8.21 -12.16 22.87
CA PRO C 158 -7.71 -12.83 21.66
C PRO C 158 -8.08 -12.05 20.40
N VAL C 159 -7.21 -12.16 19.40
CA VAL C 159 -7.44 -11.58 18.07
C VAL C 159 -7.24 -12.68 17.03
N LYS C 160 -8.16 -12.76 16.07
CA LYS C 160 -8.02 -13.72 14.98
C LYS C 160 -8.09 -13.03 13.62
N ALA C 161 -8.88 -11.97 13.52
CA ALA C 161 -9.00 -11.24 12.27
C ALA C 161 -7.72 -10.49 11.96
N GLY C 162 -7.24 -10.63 10.72
CA GLY C 162 -6.03 -9.96 10.30
C GLY C 162 -4.74 -10.71 10.59
N VAL C 163 -4.82 -12.01 10.87
CA VAL C 163 -3.65 -12.82 11.25
C VAL C 163 -3.29 -13.72 10.07
N GLU C 164 -2.01 -13.71 9.69
CA GLU C 164 -1.48 -14.62 8.67
C GLU C 164 -0.22 -15.28 9.22
N THR C 165 -0.23 -16.61 9.31
CA THR C 165 0.90 -17.37 9.82
C THR C 165 1.42 -18.31 8.74
N THR C 166 2.74 -18.45 8.66
CA THR C 166 3.35 -19.36 7.68
C THR C 166 3.54 -20.74 8.29
N THR C 167 3.58 -21.75 7.42
CA THR C 167 3.97 -23.08 7.84
C THR C 167 5.45 -23.09 8.22
N PRO C 168 5.84 -23.92 9.17
CA PRO C 168 7.27 -24.01 9.54
C PRO C 168 8.10 -24.56 8.38
N SER C 169 9.36 -24.11 8.33
CA SER C 169 10.28 -24.50 7.28
C SER C 169 11.63 -24.81 7.91
N LYS C 170 12.29 -25.86 7.41
CA LYS C 170 13.58 -26.27 7.97
C LYS C 170 14.63 -25.21 7.70
N GLN C 171 15.35 -24.84 8.76
CA GLN C 171 16.49 -23.97 8.61
C GLN C 171 17.68 -24.77 8.12
N SER C 172 18.79 -24.06 7.91
CA SER C 172 20.03 -24.71 7.52
C SER C 172 20.61 -25.56 8.65
N ASN C 173 20.43 -25.15 9.91
CA ASN C 173 20.91 -25.92 11.04
C ASN C 173 19.91 -26.99 11.51
N ASN C 174 18.97 -27.38 10.64
CA ASN C 174 17.99 -28.43 10.86
C ASN C 174 16.88 -28.09 11.86
N LYS C 175 16.97 -26.93 12.51
CA LYS C 175 15.84 -26.45 13.29
C LYS C 175 14.83 -25.79 12.37
N TYR C 176 13.73 -25.29 12.94
CA TYR C 176 12.64 -24.76 12.14
C TYR C 176 12.39 -23.29 12.45
N ALA C 177 11.78 -22.61 11.47
CA ALA C 177 11.44 -21.21 11.58
C ALA C 177 10.05 -20.98 11.02
N ALA C 178 9.40 -19.92 11.49
CA ALA C 178 8.10 -19.52 10.99
C ALA C 178 7.90 -18.04 11.30
N SER C 179 6.86 -17.46 10.72
CA SER C 179 6.56 -16.06 10.89
C SER C 179 5.05 -15.86 10.90
N SER C 180 4.60 -14.84 11.65
CA SER C 180 3.19 -14.50 11.74
C SER C 180 3.05 -12.98 11.63
N TYR C 181 2.03 -12.55 10.89
CA TYR C 181 1.78 -11.14 10.64
C TYR C 181 0.38 -10.78 11.12
N LEU C 182 0.27 -9.63 11.78
CA LEU C 182 -1.02 -9.09 12.22
C LEU C 182 -1.24 -7.76 11.51
N SER C 183 -2.28 -7.70 10.68
CA SER C 183 -2.61 -6.50 9.91
C SER C 183 -3.63 -5.65 10.67
N LEU C 184 -3.20 -4.45 11.08
CA LEU C 184 -4.04 -3.53 11.83
C LEU C 184 -4.19 -2.22 11.06
N THR C 185 -5.20 -1.45 11.45
CA THR C 185 -5.24 -0.05 11.05
C THR C 185 -4.50 0.80 12.07
N PRO C 186 -3.99 1.97 11.67
CA PRO C 186 -3.27 2.82 12.63
C PRO C 186 -4.13 3.24 13.81
N GLU C 187 -5.44 3.36 13.62
CA GLU C 187 -6.33 3.73 14.72
C GLU C 187 -6.44 2.59 15.73
N GLN C 188 -6.65 1.36 15.25
CA GLN C 188 -6.66 0.21 16.14
C GLN C 188 -5.35 0.09 16.93
N TRP C 189 -4.22 0.32 16.26
CA TRP C 189 -2.93 0.16 16.90
C TRP C 189 -2.75 1.12 18.07
N LYS C 190 -2.98 2.42 17.82
CA LYS C 190 -2.82 3.42 18.86
C LYS C 190 -3.91 3.37 19.93
N SER C 191 -5.04 2.72 19.65
CA SER C 191 -6.14 2.70 20.60
C SER C 191 -5.86 1.80 21.79
N HIS C 192 -5.16 0.69 21.59
CA HIS C 192 -4.88 -0.26 22.66
C HIS C 192 -3.54 0.08 23.32
N LYS C 193 -3.33 -0.49 24.50
CA LYS C 193 -2.06 -0.25 25.20
C LYS C 193 -0.97 -1.19 24.75
N SER C 194 -1.31 -2.38 24.26
CA SER C 194 -0.29 -3.34 23.87
C SER C 194 -0.89 -4.40 22.95
N TYR C 195 0.01 -5.08 22.24
CA TYR C 195 -0.30 -6.26 21.43
C TYR C 195 0.73 -7.34 21.72
N SER C 196 0.30 -8.59 21.69
CA SER C 196 1.17 -9.70 22.06
C SER C 196 1.14 -10.82 21.02
N CYS C 197 2.30 -11.41 20.78
CA CYS C 197 2.46 -12.61 19.97
C CYS C 197 2.82 -13.78 20.89
N GLN C 198 2.02 -14.84 20.85
CA GLN C 198 2.25 -15.99 21.73
C GLN C 198 2.48 -17.25 20.90
N VAL C 199 3.65 -17.87 21.09
CA VAL C 199 4.05 -19.07 20.38
C VAL C 199 4.03 -20.24 21.35
N THR C 200 3.35 -21.32 20.97
CA THR C 200 3.27 -22.52 21.81
C THR C 200 4.02 -23.66 21.15
N HIS C 201 4.97 -24.24 21.89
CA HIS C 201 5.82 -25.30 21.37
C HIS C 201 6.09 -26.28 22.51
N GLU C 202 5.83 -27.56 22.25
CA GLU C 202 6.02 -28.62 23.24
C GLU C 202 5.25 -28.31 24.53
N GLY C 203 4.05 -27.77 24.38
CA GLY C 203 3.22 -27.45 25.54
C GLY C 203 3.69 -26.27 26.35
N SER C 204 4.71 -25.54 25.90
CA SER C 204 5.18 -24.35 26.59
C SER C 204 4.99 -23.14 25.68
N THR C 205 4.86 -21.97 26.29
CA THR C 205 4.49 -20.75 25.57
C THR C 205 5.56 -19.68 25.77
N VAL C 206 5.94 -19.03 24.68
CA VAL C 206 6.83 -17.88 24.69
C VAL C 206 6.06 -16.70 24.13
N GLU C 207 5.98 -15.63 24.91
CA GLU C 207 5.17 -14.46 24.57
C GLU C 207 6.07 -13.25 24.38
N LYS C 208 5.74 -12.40 23.41
CA LYS C 208 6.37 -11.11 23.23
C LYS C 208 5.29 -10.04 23.10
N THR C 209 5.63 -8.82 23.51
CA THR C 209 4.66 -7.74 23.59
C THR C 209 5.27 -6.44 23.09
N VAL C 210 4.48 -5.65 22.38
CA VAL C 210 4.86 -4.33 21.93
C VAL C 210 3.73 -3.36 22.21
N ALA C 211 4.07 -2.10 22.42
CA ALA C 211 3.12 -1.05 22.75
C ALA C 211 3.31 0.16 21.84
N PRO C 212 2.25 0.94 21.61
CA PRO C 212 2.42 2.18 20.85
C PRO C 212 3.12 3.29 21.64
N THR C 213 3.11 3.19 22.97
CA THR C 213 3.76 4.18 23.83
C THR C 213 5.15 3.71 24.28
N SER D 1 22.29 55.19 23.88
CA SER D 1 21.89 56.56 24.15
C SER D 1 20.73 56.99 23.25
N GLN D 2 20.27 58.22 23.45
CA GLN D 2 19.14 58.77 22.72
C GLN D 2 19.53 60.01 21.96
N CYS D 3 20.77 60.48 22.11
CA CYS D 3 21.20 61.73 21.48
C CYS D 3 21.34 61.55 19.97
N VAL D 4 20.95 62.59 19.23
CA VAL D 4 21.03 62.58 17.78
C VAL D 4 22.00 63.68 17.38
N ASN D 5 22.81 63.44 16.34
CA ASN D 5 23.78 64.43 15.87
C ASN D 5 23.27 65.09 14.59
N LEU D 6 22.80 66.33 14.72
CA LEU D 6 22.24 67.06 13.57
C LEU D 6 23.31 67.90 12.88
N TYR D 25 13.83 96.08 33.62
CA TYR D 25 13.17 95.28 34.64
C TYR D 25 13.11 96.03 35.98
N TYR D 26 12.12 95.72 36.81
CA TYR D 26 12.11 96.27 38.16
C TYR D 26 13.40 95.80 38.86
N PRO D 27 14.01 96.64 39.72
CA PRO D 27 15.35 96.32 40.18
C PRO D 27 15.32 95.13 41.10
N ASP D 28 16.46 94.82 41.78
CA ASP D 28 16.42 93.66 42.68
C ASP D 28 15.68 93.99 43.97
N LYS D 29 14.95 95.11 43.97
CA LYS D 29 14.21 95.61 45.13
C LYS D 29 12.73 95.66 44.76
N VAL D 30 11.88 95.44 45.75
CA VAL D 30 10.43 95.47 45.55
C VAL D 30 9.89 96.71 46.25
N PHE D 31 10.70 97.76 46.27
CA PHE D 31 10.32 99.00 46.94
C PHE D 31 9.54 99.90 45.99
N ARG D 32 8.46 100.46 46.50
CA ARG D 32 7.62 101.36 45.72
C ARG D 32 8.23 102.74 45.65
N SER D 33 8.17 103.36 44.47
CA SER D 33 8.80 104.66 44.29
C SER D 33 7.94 105.55 43.40
N SER D 34 8.24 106.85 43.46
CA SER D 34 7.52 107.86 42.69
C SER D 34 8.47 108.93 42.17
N VAL D 35 9.77 108.66 42.14
CA VAL D 35 10.79 109.63 41.74
C VAL D 35 11.87 108.88 40.99
N LEU D 36 12.92 109.60 40.59
CA LEU D 36 14.09 108.97 39.96
C LEU D 36 14.96 108.31 41.01
N HIS D 37 15.49 107.14 40.67
CA HIS D 37 16.34 106.36 41.56
C HIS D 37 17.52 105.85 40.76
N SER D 38 18.74 106.17 41.20
CA SER D 38 19.94 105.67 40.57
C SER D 38 20.25 104.26 41.08
N THR D 39 21.01 103.51 40.27
CA THR D 39 21.34 102.14 40.62
C THR D 39 22.65 101.75 39.94
N GLN D 40 23.51 101.08 40.69
CA GLN D 40 24.75 100.52 40.14
C GLN D 40 24.66 99.00 40.02
N VAL D 50 24.14 93.44 19.88
CA VAL D 50 23.23 92.31 20.00
C VAL D 50 23.45 91.35 18.82
N THR D 51 23.37 90.05 19.08
CA THR D 51 23.51 89.04 18.04
C THR D 51 22.15 88.45 17.70
N TRP D 52 21.86 88.35 16.41
CA TRP D 52 20.59 87.84 15.89
C TRP D 52 20.84 86.44 15.35
N PHE D 53 20.32 85.44 16.06
CA PHE D 53 20.59 84.03 15.81
C PHE D 53 19.38 83.32 15.23
N HIS D 54 19.65 82.34 14.36
CA HIS D 54 18.71 81.26 14.04
C HIS D 54 19.30 80.25 13.06
N ASN D 69 21.82 75.44 17.31
CA ASN D 69 22.14 76.61 18.12
C ASN D 69 23.44 76.31 18.81
N PRO D 70 24.24 77.33 19.08
CA PRO D 70 25.55 77.06 19.68
C PRO D 70 25.53 77.26 21.18
N VAL D 71 26.49 76.66 21.88
CA VAL D 71 26.68 76.97 23.29
C VAL D 71 27.27 78.39 23.38
N LEU D 72 26.48 79.32 23.87
CA LEU D 72 26.99 80.68 23.97
C LEU D 72 27.52 80.92 25.38
N PRO D 73 28.64 81.63 25.54
CA PRO D 73 29.08 81.99 26.89
C PRO D 73 28.04 82.83 27.60
N PHE D 74 28.03 82.71 28.92
CA PHE D 74 27.25 83.51 29.85
C PHE D 74 28.19 84.53 30.47
N ASN D 75 27.63 85.67 30.90
CA ASN D 75 28.46 86.74 31.44
C ASN D 75 28.00 87.05 32.83
N ASP D 76 27.37 88.21 33.04
CA ASP D 76 26.80 88.61 34.32
C ASP D 76 25.28 88.65 34.31
N GLY D 77 24.67 88.45 33.16
CA GLY D 77 23.22 88.52 33.00
C GLY D 77 22.97 88.40 31.51
N VAL D 78 21.71 88.20 31.11
CA VAL D 78 21.57 88.05 29.67
C VAL D 78 20.22 88.63 29.31
N TYR D 79 20.10 89.26 28.13
CA TYR D 79 18.78 89.61 27.57
C TYR D 79 18.35 88.56 26.55
N PHE D 80 17.15 88.03 26.73
CA PHE D 80 16.59 87.07 25.79
C PHE D 80 15.21 87.52 25.31
N ALA D 81 15.04 87.49 23.99
CA ALA D 81 13.76 87.81 23.36
C ALA D 81 13.66 87.04 22.05
N SER D 82 12.43 86.75 21.63
CA SER D 82 12.20 86.00 20.41
C SER D 82 10.88 86.42 19.78
N THR D 83 10.87 86.46 18.46
CA THR D 83 9.69 86.82 17.68
C THR D 83 8.93 85.60 17.14
N GLU D 84 9.20 84.41 17.66
CA GLU D 84 8.50 83.20 17.25
C GLU D 84 7.07 83.13 17.79
N ASN D 87 5.67 77.58 18.83
CA ASN D 87 6.10 77.09 20.14
C ASN D 87 7.32 76.19 20.02
N ILE D 88 8.40 76.75 19.47
CA ILE D 88 9.62 76.00 19.23
C ILE D 88 10.62 76.17 20.38
N ILE D 89 10.79 77.39 20.87
CA ILE D 89 11.67 77.66 22.00
C ILE D 89 10.92 77.36 23.30
N ARG D 90 11.39 76.35 24.04
CA ARG D 90 10.74 75.89 25.25
C ARG D 90 11.47 76.28 26.52
N GLY D 91 12.74 76.66 26.41
CA GLY D 91 13.52 77.00 27.58
C GLY D 91 14.99 77.05 27.24
N TRP D 92 15.82 76.87 28.27
CA TRP D 92 17.27 77.01 28.13
C TRP D 92 17.94 76.01 29.05
N ILE D 93 19.23 75.78 28.80
CA ILE D 93 20.09 75.07 29.74
C ILE D 93 21.23 76.00 30.13
N PHE D 94 21.51 76.08 31.42
CA PHE D 94 22.57 76.90 31.98
C PHE D 94 23.52 76.04 32.78
N GLY D 95 24.80 76.41 32.79
CA GLY D 95 25.76 75.70 33.61
C GLY D 95 27.18 76.05 33.24
N THR D 96 28.10 75.18 33.64
CA THR D 96 29.52 75.40 33.45
C THR D 96 30.04 74.48 32.34
N THR D 97 30.36 73.24 32.70
CA THR D 97 30.79 72.27 31.71
C THR D 97 29.61 71.62 30.99
N LEU D 98 28.40 71.74 31.54
CA LEU D 98 27.20 71.14 30.96
C LEU D 98 27.36 69.64 30.78
N ASP D 99 28.07 69.01 31.72
CA ASP D 99 28.36 67.59 31.69
C ASP D 99 27.79 66.93 32.94
N SER D 100 28.12 65.67 33.13
CA SER D 100 27.86 65.00 34.40
C SER D 100 28.87 65.40 35.48
N LYS D 101 29.95 66.08 35.09
CA LYS D 101 30.96 66.51 36.05
C LYS D 101 30.48 67.70 36.87
N THR D 102 29.63 68.55 36.30
CA THR D 102 29.14 69.74 36.98
C THR D 102 27.63 69.76 36.91
N GLN D 103 27.03 70.55 37.78
CA GLN D 103 25.59 70.64 37.87
C GLN D 103 25.15 71.68 36.85
N SER D 104 23.96 71.49 36.28
CA SER D 104 23.42 72.41 35.31
C SER D 104 21.96 72.75 35.61
N LEU D 105 21.51 73.87 35.05
CA LEU D 105 20.13 74.31 35.18
C LEU D 105 19.38 74.01 33.89
N LEU D 106 18.10 73.67 34.03
CA LEU D 106 17.28 73.28 32.87
C LEU D 106 15.85 73.74 33.10
N ILE D 107 15.38 74.65 32.24
CA ILE D 107 14.00 75.13 32.26
C ILE D 107 13.30 74.57 31.02
N VAL D 108 12.11 74.01 31.23
CA VAL D 108 11.32 73.40 30.16
C VAL D 108 9.89 73.86 30.31
N ASN D 109 9.26 74.27 29.21
CA ASN D 109 7.89 74.78 29.23
C ASN D 109 6.98 73.80 28.49
N ASN D 110 6.08 73.16 29.22
CA ASN D 110 5.03 72.37 28.64
C ASN D 110 3.90 73.29 28.18
N ALA D 111 2.88 72.71 27.55
CA ALA D 111 1.67 73.47 27.29
C ALA D 111 0.94 73.82 28.58
N THR D 112 1.21 73.09 29.66
CA THR D 112 0.55 73.28 30.94
C THR D 112 1.46 73.75 32.06
N ASN D 113 2.75 73.43 32.02
CA ASN D 113 3.63 73.69 33.16
C ASN D 113 4.99 74.20 32.69
N VAL D 114 5.69 74.85 33.62
CA VAL D 114 7.12 75.07 33.54
C VAL D 114 7.78 74.09 34.50
N VAL D 115 8.98 73.64 34.14
CA VAL D 115 9.72 72.69 34.96
C VAL D 115 11.16 73.14 35.02
N ILE D 116 11.66 73.37 36.22
CA ILE D 116 12.99 73.93 36.44
C ILE D 116 13.75 72.93 37.29
N LYS D 117 14.83 72.38 36.75
CA LYS D 117 15.59 71.35 37.45
C LYS D 117 17.07 71.65 37.37
N VAL D 118 17.78 71.35 38.45
CA VAL D 118 19.23 71.43 38.49
C VAL D 118 19.78 70.06 38.91
N CYS D 119 20.54 69.43 38.00
CA CYS D 119 21.12 68.11 38.21
C CYS D 119 22.46 68.05 37.46
N GLU D 120 23.10 66.89 37.52
CA GLU D 120 24.31 66.64 36.73
C GLU D 120 23.90 65.97 35.42
N PHE D 121 23.52 66.79 34.46
CA PHE D 121 22.99 66.33 33.18
C PHE D 121 24.15 66.04 32.22
N GLN D 122 24.24 64.80 31.75
CA GLN D 122 25.15 64.47 30.65
C GLN D 122 24.47 64.88 29.35
N PHE D 123 24.50 66.19 29.09
CA PHE D 123 23.79 66.76 27.96
C PHE D 123 24.29 66.18 26.64
N CYS D 124 23.40 66.17 25.65
CA CYS D 124 23.74 65.76 24.30
C CYS D 124 24.53 66.85 23.59
N ASN D 125 25.27 66.44 22.56
CA ASN D 125 26.03 67.40 21.76
C ASN D 125 25.11 68.45 21.14
N ASP D 126 23.94 68.03 20.67
CA ASP D 126 22.95 68.92 20.09
C ASP D 126 21.61 68.65 20.76
N PRO D 127 21.38 69.23 21.94
CA PRO D 127 20.17 68.90 22.69
C PRO D 127 18.92 69.49 22.05
N PHE D 128 17.82 68.76 22.17
CA PHE D 128 16.52 69.25 21.76
C PHE D 128 15.43 68.43 22.46
N LEU D 129 14.27 69.05 22.63
CA LEU D 129 13.12 68.39 23.24
C LEU D 129 12.37 67.64 22.14
N GLY D 130 12.57 66.33 22.08
CA GLY D 130 11.99 65.54 20.99
C GLY D 130 10.49 65.36 21.18
N VAL D 131 9.73 65.73 20.16
CA VAL D 131 8.27 65.62 20.18
C VAL D 131 7.87 64.45 19.27
N TYR D 132 7.03 63.57 19.78
CA TYR D 132 6.67 62.35 19.04
C TYR D 132 5.20 62.02 19.27
N TYR D 133 4.65 61.22 18.37
CA TYR D 133 3.25 60.81 18.49
C TYR D 133 3.14 59.54 19.33
N HIS D 134 2.18 59.54 20.25
CA HIS D 134 1.93 58.43 21.17
C HIS D 134 0.59 57.81 20.80
N LYS D 135 0.63 56.64 20.15
CA LYS D 135 -0.60 56.06 19.60
C LYS D 135 -1.53 55.53 20.70
N ASN D 136 -1.01 55.20 21.87
CA ASN D 136 -1.88 54.62 22.89
C ASN D 136 -2.47 55.66 23.84
N ASN D 137 -1.92 56.86 23.88
CA ASN D 137 -2.59 57.97 24.56
C ASN D 137 -3.23 58.93 23.57
N LYS D 138 -3.16 58.62 22.28
CA LYS D 138 -3.78 59.41 21.20
C LYS D 138 -3.37 60.89 21.24
N SER D 139 -2.15 61.20 21.66
CA SER D 139 -1.69 62.58 21.73
C SER D 139 -0.21 62.64 21.37
N TRP D 140 0.27 63.87 21.16
CA TRP D 140 1.70 64.12 21.01
C TRP D 140 2.33 64.34 22.38
N MET D 141 3.60 63.95 22.52
CA MET D 141 4.31 64.02 23.79
C MET D 141 5.75 64.46 23.55
N GLU D 142 6.43 64.87 24.63
CA GLU D 142 7.81 65.33 24.55
C GLU D 142 8.72 64.38 25.31
N SER D 143 9.94 64.20 24.82
CA SER D 143 10.95 63.33 25.42
C SER D 143 12.17 64.14 25.81
N GLU D 144 12.50 64.16 27.11
CA GLU D 144 13.71 64.78 27.61
C GLU D 144 14.97 63.92 27.44
N PHE D 145 14.83 62.64 27.06
CA PHE D 145 16.00 61.83 26.75
C PHE D 145 16.82 62.38 25.59
N ARG D 146 16.23 63.19 24.72
CA ARG D 146 16.97 63.78 23.61
C ARG D 146 17.72 65.04 24.04
N VAL D 147 17.45 65.55 25.25
CA VAL D 147 18.23 66.65 25.82
C VAL D 147 19.42 66.14 26.61
N TYR D 148 19.21 65.14 27.46
CA TYR D 148 20.28 64.58 28.28
C TYR D 148 20.16 63.06 28.30
N SER D 149 21.31 62.39 28.20
CA SER D 149 21.36 60.94 28.32
C SER D 149 21.46 60.49 29.77
N SER D 150 21.85 61.38 30.68
CA SER D 150 22.01 61.05 32.09
C SER D 150 21.53 62.24 32.91
N ALA D 151 21.02 61.94 34.11
CA ALA D 151 20.54 62.99 35.01
C ALA D 151 20.57 62.45 36.44
N ASN D 152 21.59 62.83 37.20
CA ASN D 152 21.75 62.39 38.58
C ASN D 152 22.04 63.59 39.47
N ASN D 153 21.93 63.36 40.78
CA ASN D 153 22.18 64.37 41.83
C ASN D 153 21.35 65.63 41.60
N CYS D 154 20.04 65.45 41.63
CA CYS D 154 19.09 66.56 41.50
C CYS D 154 18.83 67.17 42.88
N THR D 155 19.15 68.46 43.03
CA THR D 155 19.00 69.15 44.30
C THR D 155 17.80 70.10 44.34
N PHE D 156 17.23 70.43 43.19
CA PHE D 156 16.19 71.45 43.13
C PHE D 156 15.31 71.20 41.93
N GLU D 157 14.00 71.24 42.14
CA GLU D 157 13.03 71.09 41.05
C GLU D 157 11.82 71.95 41.37
N TYR D 158 11.46 72.85 40.46
CA TYR D 158 10.36 73.78 40.65
C TYR D 158 9.38 73.66 39.50
N VAL D 159 8.09 73.68 39.82
CA VAL D 159 7.01 73.44 38.86
C VAL D 159 5.91 74.46 39.10
N SER D 160 5.53 75.20 38.05
CA SER D 160 4.43 76.14 38.13
C SER D 160 3.94 76.41 36.72
N GLN D 161 3.16 77.47 36.54
CA GLN D 161 2.61 77.79 35.23
C GLN D 161 3.72 78.16 34.25
N PRO D 162 3.52 77.92 32.95
CA PRO D 162 4.60 78.16 31.99
C PRO D 162 4.89 79.64 31.80
N PHE D 163 6.05 79.91 31.22
CA PHE D 163 6.50 81.28 30.99
C PHE D 163 5.79 81.89 29.79
N LEU D 177 5.98 90.58 21.32
CA LEU D 177 7.33 90.17 21.67
C LEU D 177 7.36 89.56 23.07
N ARG D 178 8.18 88.52 23.23
CA ARG D 178 8.30 87.80 24.49
C ARG D 178 9.76 87.90 24.92
N GLU D 179 9.99 88.58 26.06
CA GLU D 179 11.33 88.94 26.50
C GLU D 179 11.57 88.51 27.94
N PHE D 180 12.81 88.09 28.22
CA PHE D 180 13.20 87.56 29.52
C PHE D 180 14.54 88.16 29.94
N VAL D 181 14.75 88.27 31.24
CA VAL D 181 16.03 88.71 31.80
C VAL D 181 16.53 87.67 32.79
N PHE D 182 17.76 87.21 32.58
CA PHE D 182 18.36 86.16 33.40
C PHE D 182 19.68 86.64 34.00
N LYS D 183 19.80 86.69 35.34
CA LYS D 183 21.09 86.91 35.97
C LYS D 183 21.20 86.02 37.20
N ASN D 184 22.44 85.60 37.47
CA ASN D 184 22.81 84.60 38.46
C ASN D 184 23.80 85.24 39.43
N ILE D 185 23.26 85.73 40.55
CA ILE D 185 24.05 86.46 41.54
C ILE D 185 23.80 85.85 42.91
N ASP D 186 24.88 85.69 43.67
CA ASP D 186 24.82 85.23 45.06
C ASP D 186 24.11 83.88 45.19
N GLY D 187 24.37 82.99 44.22
CA GLY D 187 23.73 81.69 44.19
C GLY D 187 22.30 81.67 43.68
N TYR D 188 21.70 82.83 43.45
CA TYR D 188 20.32 82.91 42.98
C TYR D 188 20.29 83.14 41.47
N PHE D 189 19.28 82.56 40.83
CA PHE D 189 19.03 82.72 39.41
C PHE D 189 17.71 83.49 39.26
N LYS D 190 17.81 84.74 38.82
CA LYS D 190 16.68 85.67 38.83
C LYS D 190 16.14 85.89 37.41
N ILE D 191 14.82 86.01 37.33
CA ILE D 191 14.10 85.96 36.06
C ILE D 191 12.97 86.99 36.05
N TYR D 192 12.90 87.78 34.98
CA TYR D 192 11.83 88.75 34.76
C TYR D 192 11.25 88.57 33.36
N SER D 193 9.95 88.82 33.21
CA SER D 193 9.26 88.48 31.97
C SER D 193 8.14 89.47 31.69
N LYS D 194 7.64 89.42 30.46
CA LYS D 194 6.48 90.19 30.01
C LYS D 194 5.89 89.59 28.74
N LEU D 211 9.72 95.06 32.78
CA LEU D 211 9.66 93.62 33.00
C LEU D 211 9.39 93.31 34.47
N GLU D 212 8.18 92.84 34.77
CA GLU D 212 7.81 92.51 36.14
C GLU D 212 8.49 91.22 36.59
N PRO D 213 8.80 91.11 37.89
CA PRO D 213 9.53 89.93 38.39
C PRO D 213 8.73 88.64 38.21
N LEU D 214 9.34 87.69 37.51
CA LEU D 214 8.74 86.36 37.36
C LEU D 214 8.98 85.51 38.57
N VAL D 215 10.28 85.06 38.74
CA VAL D 215 10.66 84.28 39.89
C VAL D 215 12.18 84.29 39.95
N ASP D 216 12.74 84.01 41.12
CA ASP D 216 14.17 83.81 41.29
C ASP D 216 14.42 82.60 42.17
N LEU D 217 15.56 81.94 41.91
CA LEU D 217 15.73 80.52 42.14
C LEU D 217 16.96 80.24 42.98
N PRO D 218 16.85 79.53 44.13
CA PRO D 218 18.04 79.18 44.89
C PRO D 218 18.90 78.11 44.24
N ILE D 219 19.43 78.38 43.05
CA ILE D 219 20.21 77.38 42.33
C ILE D 219 21.50 77.06 43.07
N GLY D 220 22.28 78.10 43.37
CA GLY D 220 23.54 77.93 44.05
C GLY D 220 24.60 77.18 43.26
N ILE D 221 24.82 77.53 41.99
CA ILE D 221 25.87 76.90 41.19
C ILE D 221 26.44 77.92 40.22
N ASN D 222 27.65 77.64 39.76
CA ASN D 222 28.35 78.49 38.81
C ASN D 222 27.83 78.25 37.40
N ILE D 223 27.61 79.35 36.68
CA ILE D 223 27.04 79.34 35.33
C ILE D 223 27.93 80.19 34.44
N THR D 224 28.54 79.57 33.41
CA THR D 224 29.42 80.31 32.51
C THR D 224 28.97 80.25 31.07
N ARG D 225 28.24 79.20 30.67
CA ARG D 225 27.77 79.03 29.30
C ARG D 225 26.33 78.56 29.34
N PHE D 226 25.63 78.73 28.22
CA PHE D 226 24.24 78.31 28.13
C PHE D 226 23.89 77.97 26.68
N GLN D 227 22.76 77.30 26.51
CA GLN D 227 22.26 76.88 25.22
C GLN D 227 20.75 76.99 25.20
N THR D 228 20.20 77.36 24.06
CA THR D 228 18.76 77.53 23.92
C THR D 228 18.13 76.18 23.60
N LEU D 229 16.95 75.90 24.20
CA LEU D 229 16.32 74.59 24.11
C LEU D 229 15.13 74.62 23.14
N LEU D 230 15.21 73.83 22.07
CA LEU D 230 14.24 73.85 20.98
C LEU D 230 13.35 72.62 21.07
N ALA D 231 12.11 72.76 20.61
CA ALA D 231 11.22 71.61 20.48
C ALA D 231 11.20 71.17 19.02
N LEU D 232 11.58 69.93 18.77
CA LEU D 232 11.56 69.35 17.43
C LEU D 232 10.68 68.11 17.41
N HIS D 233 9.95 67.92 16.30
CA HIS D 233 9.04 66.80 16.18
C HIS D 233 9.39 65.94 14.97
N ARG D 234 8.83 64.74 14.95
CA ARG D 234 9.00 63.81 13.85
C ARG D 234 7.78 62.92 13.76
N SER D 235 7.42 62.52 12.54
CA SER D 235 6.24 61.70 12.32
C SER D 235 6.50 60.70 11.22
N TYR D 236 5.95 59.49 11.39
CA TYR D 236 6.00 58.44 10.38
C TYR D 236 4.71 58.53 9.57
N LEU D 237 4.78 59.23 8.43
CA LEU D 237 3.60 59.46 7.61
C LEU D 237 3.76 59.09 6.14
N THR D 238 4.97 58.84 5.66
CA THR D 238 5.20 58.37 4.31
C THR D 238 6.15 57.18 4.33
N PRO D 239 5.96 56.22 3.42
CA PRO D 239 6.76 54.98 3.50
C PRO D 239 8.26 55.20 3.41
N GLY D 240 8.72 56.33 2.90
CA GLY D 240 10.14 56.62 2.83
C GLY D 240 10.69 57.53 3.91
N ASP D 241 9.92 57.81 4.96
CA ASP D 241 10.37 58.72 6.00
C ASP D 241 11.60 58.19 6.73
N SER D 242 12.45 59.13 7.16
CA SER D 242 13.63 58.83 7.94
C SER D 242 13.37 59.20 9.40
N SER D 243 13.70 58.29 10.32
CA SER D 243 13.52 58.57 11.74
C SER D 243 14.41 59.70 12.23
N SER D 244 15.53 59.96 11.56
CA SER D 244 16.44 61.02 11.96
C SER D 244 15.97 62.39 11.52
N GLY D 245 14.86 62.48 10.78
CA GLY D 245 14.40 63.74 10.24
C GLY D 245 13.58 64.56 11.21
N TRP D 246 14.14 64.87 12.37
CA TRP D 246 13.49 65.79 13.29
C TRP D 246 13.45 67.18 12.67
N THR D 247 12.32 67.87 12.84
CA THR D 247 12.16 69.15 12.18
C THR D 247 11.17 70.01 12.95
N ALA D 248 11.18 71.30 12.64
CA ALA D 248 10.22 72.28 13.12
C ALA D 248 10.43 73.54 12.29
N GLY D 249 9.58 74.54 12.51
CA GLY D 249 9.79 75.82 11.86
C GLY D 249 11.12 76.44 12.22
N ALA D 250 11.51 77.44 11.42
CA ALA D 250 12.72 78.18 11.72
C ALA D 250 12.52 78.99 13.00
N ALA D 251 13.47 78.87 13.93
CA ALA D 251 13.38 79.54 15.22
C ALA D 251 14.55 80.49 15.39
N ALA D 252 14.28 81.67 15.95
CA ALA D 252 15.24 82.77 16.01
C ALA D 252 15.13 83.49 17.35
N TYR D 253 16.28 83.90 17.89
CA TYR D 253 16.29 84.58 19.17
C TYR D 253 17.34 85.69 19.21
N TYR D 254 17.04 86.73 19.98
CA TYR D 254 17.97 87.81 20.25
C TYR D 254 18.70 87.53 21.55
N VAL D 255 20.03 87.59 21.51
CA VAL D 255 20.87 87.43 22.69
C VAL D 255 21.89 88.57 22.73
N GLY D 256 21.94 89.26 23.87
CA GLY D 256 22.97 90.23 24.15
C GLY D 256 23.73 89.87 25.40
N TYR D 257 24.69 90.72 25.73
CA TYR D 257 25.58 90.52 26.86
C TYR D 257 25.50 91.73 27.77
N LEU D 258 25.54 91.48 29.08
CA LEU D 258 25.30 92.50 30.09
C LEU D 258 26.54 93.29 30.47
N GLN D 259 26.31 94.52 30.94
CA GLN D 259 27.29 95.51 31.32
C GLN D 259 27.10 95.89 32.79
N PRO D 260 28.16 96.33 33.47
CA PRO D 260 28.03 96.76 34.87
C PRO D 260 27.61 98.21 35.05
N ARG D 261 27.66 98.99 33.97
CA ARG D 261 27.48 100.44 33.95
C ARG D 261 26.34 100.93 34.84
N THR D 262 26.58 102.08 35.48
CA THR D 262 25.58 102.77 36.28
C THR D 262 24.43 103.29 35.41
N PHE D 263 23.21 103.15 35.90
CA PHE D 263 22.01 103.58 35.19
C PHE D 263 21.17 104.49 36.07
N LEU D 264 20.12 105.07 35.46
CA LEU D 264 19.15 105.92 36.16
C LEU D 264 17.76 105.51 35.73
N LEU D 265 16.87 105.28 36.70
CA LEU D 265 15.53 104.75 36.43
C LEU D 265 14.48 105.67 37.05
N LYS D 266 13.54 106.12 36.23
CA LYS D 266 12.49 107.05 36.63
C LYS D 266 11.21 106.28 36.94
N TYR D 267 10.69 106.41 38.16
CA TYR D 267 9.41 105.77 38.47
C TYR D 267 8.39 106.89 38.63
N ASN D 268 7.15 106.63 38.24
CA ASN D 268 6.07 107.60 38.43
C ASN D 268 5.14 107.20 39.57
N GLU D 269 4.35 106.15 39.40
CA GLU D 269 3.51 105.66 40.49
C GLU D 269 3.71 104.19 40.78
N ASN D 270 3.83 103.35 39.75
CA ASN D 270 4.08 101.93 39.94
C ASN D 270 5.15 101.47 38.97
N GLY D 271 4.77 101.17 37.73
CA GLY D 271 5.73 100.67 36.77
C GLY D 271 6.75 101.72 36.38
N THR D 272 7.96 101.25 36.09
CA THR D 272 9.00 102.13 35.58
C THR D 272 8.67 102.57 34.15
N ILE D 273 8.63 103.87 33.93
CA ILE D 273 8.16 104.44 32.66
C ILE D 273 9.33 104.83 31.76
N THR D 274 10.30 105.57 32.27
CA THR D 274 11.42 106.05 31.48
C THR D 274 12.72 105.60 32.15
N ASP D 275 13.83 105.88 31.49
CA ASP D 275 15.14 105.43 31.92
C ASP D 275 16.19 106.33 31.29
N ALA D 276 17.43 106.23 31.80
CA ALA D 276 18.47 107.13 31.35
C ALA D 276 19.83 106.50 31.64
N VAL D 277 20.72 106.57 30.65
CA VAL D 277 22.11 106.14 30.81
C VAL D 277 22.96 106.91 29.82
N ASP D 278 24.21 107.16 30.18
CA ASP D 278 25.13 107.83 29.26
C ASP D 278 26.57 107.42 29.57
N GLY E 8 14.04 33.06 13.86
CA GLY E 8 14.42 32.01 12.93
C GLY E 8 13.26 31.13 12.52
N ALA E 9 13.46 30.36 11.45
CA ALA E 9 12.40 29.49 10.95
C ALA E 9 11.98 28.48 12.01
N GLU E 10 10.69 28.14 12.02
CA GLU E 10 10.11 27.29 13.04
C GLU E 10 9.37 26.13 12.41
N VAL E 11 9.66 24.91 12.88
CA VAL E 11 8.92 23.71 12.51
C VAL E 11 8.09 23.28 13.70
N LYS E 12 6.82 22.96 13.47
CA LYS E 12 5.86 22.78 14.54
C LYS E 12 4.90 21.67 14.21
N LYS E 13 4.60 20.83 15.20
CA LYS E 13 3.54 19.86 15.04
C LYS E 13 2.19 20.58 15.07
N PRO E 14 1.17 20.03 14.40
CA PRO E 14 -0.16 20.64 14.48
C PRO E 14 -0.68 20.65 15.90
N GLY E 15 -1.30 21.77 16.28
CA GLY E 15 -1.84 21.93 17.62
C GLY E 15 -0.93 22.66 18.60
N ALA E 16 0.29 23.00 18.20
CA ALA E 16 1.25 23.69 19.06
C ALA E 16 1.04 25.20 18.95
N SER E 17 2.05 25.99 19.30
CA SER E 17 1.99 27.45 19.16
C SER E 17 3.35 27.97 18.73
N VAL E 18 3.34 29.14 18.08
CA VAL E 18 4.56 29.78 17.60
C VAL E 18 4.47 31.27 17.92
N LYS E 19 5.64 31.89 18.14
CA LYS E 19 5.72 33.31 18.49
C LYS E 19 6.78 33.95 17.57
N VAL E 20 6.35 34.68 16.56
CA VAL E 20 7.28 35.27 15.61
C VAL E 20 7.70 36.65 16.10
N SER E 21 8.97 37.00 15.86
CA SER E 21 9.56 38.24 16.33
C SER E 21 9.82 39.18 15.15
N CYS E 22 9.90 40.47 15.46
CA CYS E 22 10.20 41.49 14.47
C CYS E 22 10.74 42.71 15.23
N LYS E 23 12.03 42.97 15.08
CA LYS E 23 12.72 44.10 15.73
C LYS E 23 12.94 45.27 14.76
N VAL E 24 12.23 46.36 15.07
CA VAL E 24 12.05 47.56 14.27
C VAL E 24 12.98 48.63 14.81
N SER E 25 13.86 49.13 13.96
CA SER E 25 14.71 50.26 14.27
C SER E 25 14.11 51.50 13.61
N GLY E 26 14.69 52.63 13.90
CA GLY E 26 14.20 53.90 13.37
C GLY E 26 13.19 54.53 14.33
N TYR E 27 11.97 54.77 13.85
CA TYR E 27 10.91 55.19 14.75
C TYR E 27 10.63 54.08 15.76
N THR E 28 10.17 54.47 16.94
CA THR E 28 9.83 53.49 17.95
C THR E 28 8.43 52.93 17.69
N LEU E 29 8.15 51.79 18.32
CA LEU E 29 6.86 51.14 18.14
C LEU E 29 5.70 52.02 18.58
N ILE E 30 5.92 52.95 19.51
CA ILE E 30 4.81 53.74 20.02
C ILE E 30 4.36 54.77 19.01
N GLU E 31 5.20 55.10 18.02
CA GLU E 31 4.87 56.09 17.01
C GLU E 31 4.70 55.46 15.61
N ILE E 32 4.29 54.19 15.58
CA ILE E 32 4.18 53.40 14.36
C ILE E 32 3.05 52.38 14.54
N SER E 33 2.32 52.12 13.46
CA SER E 33 1.36 51.02 13.42
C SER E 33 2.05 49.75 12.94
N ILE E 34 1.77 48.64 13.62
CA ILE E 34 2.33 47.33 13.25
C ILE E 34 1.26 46.49 12.58
N HIS E 35 1.57 45.94 11.40
CA HIS E 35 0.72 44.97 10.73
C HIS E 35 1.49 43.67 10.54
N TRP E 36 0.75 42.57 10.41
CA TRP E 36 1.32 41.27 10.12
C TRP E 36 0.58 40.65 8.94
N VAL E 37 1.32 40.24 7.91
CA VAL E 37 0.75 39.52 6.79
C VAL E 37 1.47 38.18 6.69
N ARG E 38 0.79 37.19 6.10
CA ARG E 38 1.40 35.90 5.84
C ARG E 38 1.08 35.48 4.42
N GLN E 39 1.92 34.60 3.87
CA GLN E 39 1.76 34.09 2.52
C GLN E 39 2.13 32.61 2.51
N ALA E 40 1.15 31.75 2.27
CA ALA E 40 1.44 30.33 2.13
C ALA E 40 2.29 30.08 0.88
N PRO E 41 3.15 29.06 0.92
CA PRO E 41 4.00 28.77 -0.25
C PRO E 41 3.17 28.54 -1.51
N GLY E 42 3.40 29.38 -2.52
CA GLY E 42 2.69 29.28 -3.78
C GLY E 42 1.39 30.06 -3.86
N LYS E 43 0.87 30.54 -2.74
CA LYS E 43 -0.37 31.28 -2.71
C LYS E 43 -0.07 32.78 -2.60
N GLY E 44 -1.12 33.57 -2.32
CA GLY E 44 -1.01 35.01 -2.24
C GLY E 44 -0.94 35.53 -0.82
N LEU E 45 -0.97 36.87 -0.72
CA LEU E 45 -0.83 37.54 0.57
C LEU E 45 -2.15 37.52 1.33
N GLU E 46 -2.06 37.30 2.65
CA GLU E 46 -3.23 37.34 3.52
C GLU E 46 -2.94 38.25 4.71
N TRP E 47 -3.80 39.25 4.91
CA TRP E 47 -3.68 40.17 6.02
C TRP E 47 -4.27 39.56 7.28
N MET E 48 -3.48 39.54 8.35
CA MET E 48 -3.87 38.94 9.62
C MET E 48 -4.40 39.97 10.62
N GLY E 49 -3.76 41.12 10.73
CA GLY E 49 -4.19 42.12 11.69
C GLY E 49 -3.23 43.29 11.67
N GLY E 50 -3.69 44.39 12.26
CA GLY E 50 -2.92 45.62 12.24
C GLY E 50 -3.56 46.70 13.08
N PHE E 51 -2.78 47.75 13.31
CA PHE E 51 -3.18 48.88 14.14
C PHE E 51 -3.90 49.91 13.29
N ASP E 52 -5.17 50.17 13.63
CA ASP E 52 -5.96 51.19 12.92
C ASP E 52 -5.74 52.54 13.57
N PRO E 53 -5.30 53.56 12.82
CA PRO E 53 -5.14 54.90 13.43
C PRO E 53 -6.44 55.47 13.98
N GLU E 54 -7.55 55.30 13.26
CA GLU E 54 -8.82 55.85 13.73
C GLU E 54 -9.34 55.12 14.96
N ALA E 55 -8.99 53.84 15.12
CA ALA E 55 -9.45 53.05 16.24
C ALA E 55 -8.55 53.16 17.48
N GLY E 56 -7.29 53.53 17.29
CA GLY E 56 -6.35 53.61 18.40
C GLY E 56 -5.89 52.28 18.96
N GLU E 57 -6.28 51.16 18.37
CA GLU E 57 -5.90 49.85 18.84
C GLU E 57 -5.71 48.91 17.65
N THR E 58 -5.42 47.65 17.94
CA THR E 58 -5.18 46.64 16.92
C THR E 58 -6.47 45.93 16.55
N ILE E 59 -6.73 45.82 15.24
CA ILE E 59 -7.91 45.16 14.70
C ILE E 59 -7.47 43.87 14.01
N TYR E 60 -8.23 42.80 14.21
CA TYR E 60 -7.96 41.47 13.66
C TYR E 60 -9.03 41.09 12.64
N ALA E 61 -8.61 40.42 11.56
CA ALA E 61 -9.55 39.75 10.65
C ALA E 61 -10.28 38.67 11.45
N GLN E 62 -11.58 38.43 11.20
CA GLN E 62 -12.25 37.48 12.07
C GLN E 62 -11.63 36.12 11.95
N LYS E 63 -11.11 35.80 10.77
CA LYS E 63 -10.53 34.51 10.56
C LYS E 63 -9.52 34.18 11.64
N PHE E 64 -8.95 35.19 12.28
CA PHE E 64 -7.89 35.01 13.26
C PHE E 64 -8.25 35.46 14.67
N GLN E 65 -9.41 36.10 14.88
CA GLN E 65 -9.78 36.54 16.22
C GLN E 65 -9.98 35.33 17.13
N GLY E 66 -9.27 35.32 18.27
CA GLY E 66 -9.30 34.22 19.19
C GLY E 66 -8.14 33.25 19.03
N ARG E 67 -7.47 33.28 17.89
CA ARG E 67 -6.34 32.40 17.62
C ARG E 67 -5.02 33.14 17.46
N VAL E 68 -5.06 34.44 17.19
CA VAL E 68 -3.87 35.26 17.02
C VAL E 68 -3.89 36.39 18.04
N THR E 69 -2.75 36.65 18.66
CA THR E 69 -2.59 37.74 19.62
C THR E 69 -1.31 38.49 19.30
N MET E 70 -1.41 39.80 19.13
CA MET E 70 -0.26 40.66 18.89
C MET E 70 0.03 41.49 20.12
N THR E 71 1.31 41.59 20.46
CA THR E 71 1.76 42.36 21.61
C THR E 71 3.02 43.12 21.23
N GLU E 72 3.38 44.10 22.04
CA GLU E 72 4.51 44.95 21.72
C GLU E 72 5.38 45.16 22.94
N ASP E 73 6.68 45.19 22.73
CA ASP E 73 7.67 45.36 23.78
C ASP E 73 8.34 46.71 23.53
N THR E 74 7.75 47.77 24.09
CA THR E 74 8.30 49.11 23.92
C THR E 74 9.67 49.27 24.54
N SER E 75 10.02 48.41 25.50
CA SER E 75 11.38 48.41 26.03
C SER E 75 12.39 48.08 24.93
N THR E 76 12.26 46.91 24.31
CA THR E 76 13.22 46.46 23.32
C THR E 76 12.88 46.93 21.91
N ASP E 77 11.68 47.50 21.72
CA ASP E 77 11.16 47.83 20.38
C ASP E 77 11.06 46.57 19.51
N THR E 78 10.48 45.51 20.07
CA THR E 78 10.25 44.26 19.35
C THR E 78 8.75 44.01 19.26
N ALA E 79 8.28 43.74 18.04
CA ALA E 79 6.88 43.40 17.81
C ALA E 79 6.72 41.89 17.76
N TYR E 80 5.74 41.38 18.51
CA TYR E 80 5.47 39.96 18.58
C TYR E 80 4.07 39.66 18.08
N MET E 81 3.90 38.43 17.61
CA MET E 81 2.62 37.84 17.24
C MET E 81 2.65 36.37 17.59
N GLU E 82 1.59 35.89 18.23
CA GLU E 82 1.51 34.52 18.68
C GLU E 82 0.28 33.84 18.06
N VAL E 83 0.54 32.78 17.28
CA VAL E 83 -0.52 31.95 16.71
C VAL E 83 -0.64 30.68 17.55
N SER E 84 -1.87 30.26 17.82
CA SER E 84 -2.16 29.13 18.67
C SER E 84 -2.94 28.05 17.90
N SER E 85 -2.89 26.82 18.42
CA SER E 85 -3.57 25.67 17.81
C SER E 85 -3.36 25.68 16.30
N LEU E 86 -2.11 25.84 15.89
CA LEU E 86 -1.80 26.09 14.50
C LEU E 86 -1.77 24.80 13.71
N ARG E 87 -2.40 24.84 12.53
CA ARG E 87 -2.65 23.69 11.68
C ARG E 87 -1.81 23.81 10.41
N SER E 88 -1.93 22.81 9.50
CA SER E 88 -0.97 22.74 8.39
C SER E 88 -1.15 23.88 7.40
N GLU E 89 -2.34 24.47 7.30
CA GLU E 89 -2.57 25.60 6.42
C GLU E 89 -2.00 26.90 6.98
N ASP E 90 -1.39 26.85 8.16
CA ASP E 90 -0.67 27.97 8.74
C ASP E 90 0.79 27.99 8.33
N THR E 91 1.24 27.02 7.53
CA THR E 91 2.57 27.06 6.95
C THR E 91 2.65 28.24 5.99
N ALA E 92 3.52 29.20 6.29
CA ALA E 92 3.61 30.43 5.51
C ALA E 92 4.81 31.22 6.00
N VAL E 93 5.19 32.20 5.19
CA VAL E 93 6.16 33.20 5.61
C VAL E 93 5.38 34.36 6.24
N TYR E 94 5.80 34.76 7.44
CA TYR E 94 5.10 35.76 8.24
C TYR E 94 5.88 37.07 8.21
N TYR E 95 5.25 38.13 7.70
CA TYR E 95 5.87 39.43 7.54
C TYR E 95 5.28 40.43 8.52
N CYS E 96 6.14 41.14 9.25
CA CYS E 96 5.70 42.34 9.95
C CYS E 96 5.70 43.52 8.99
N ALA E 97 4.84 44.49 9.27
CA ALA E 97 4.73 45.67 8.42
C ALA E 97 4.48 46.90 9.30
N THR E 98 5.00 48.04 8.84
CA THR E 98 4.90 49.29 9.57
C THR E 98 4.03 50.27 8.80
N GLY E 99 3.13 50.93 9.52
CA GLY E 99 2.27 51.93 8.93
C GLY E 99 2.09 53.13 9.84
N PRO E 100 1.46 54.18 9.33
CA PRO E 100 1.26 55.39 10.14
C PRO E 100 0.26 55.18 11.25
N ALA E 101 0.37 56.01 12.29
CA ALA E 101 -0.50 55.95 13.45
C ALA E 101 -1.34 57.20 13.66
N ILE E 102 -1.00 58.32 13.02
CA ILE E 102 -1.74 59.56 13.21
C ILE E 102 -2.99 59.51 12.33
N ALA E 103 -4.17 59.48 12.97
CA ALA E 103 -5.42 59.40 12.21
C ALA E 103 -5.75 60.71 11.50
N ALA E 104 -5.16 61.82 11.94
CA ALA E 104 -5.48 63.14 11.38
C ALA E 104 -4.85 63.39 10.02
N ALA E 105 -3.71 62.74 9.73
CA ALA E 105 -3.04 62.93 8.44
C ALA E 105 -3.77 62.31 7.27
N GLU E 106 -4.77 61.46 7.52
CA GLU E 106 -5.53 60.78 6.47
C GLU E 106 -4.62 60.10 5.45
N THR E 107 -3.71 59.29 5.96
CA THR E 107 -2.91 58.39 5.15
C THR E 107 -2.93 57.03 5.84
N ASN E 108 -3.10 55.96 5.07
CA ASN E 108 -3.12 54.63 5.66
C ASN E 108 -2.59 53.61 4.67
N TRP E 109 -1.67 52.78 5.15
CA TRP E 109 -0.89 51.85 4.35
C TRP E 109 0.05 51.13 5.30
N PHE E 110 0.65 50.05 4.82
CA PHE E 110 1.72 49.40 5.56
C PHE E 110 2.82 49.03 4.59
N ASP E 111 4.05 49.19 5.03
CA ASP E 111 5.23 48.80 4.28
C ASP E 111 5.88 47.65 5.03
N LEU E 112 6.09 46.53 4.35
CA LEU E 112 6.68 45.38 5.01
C LEU E 112 8.08 45.76 5.51
N TRP E 113 8.48 45.15 6.61
CA TRP E 113 9.70 45.60 7.30
C TRP E 113 10.89 44.77 6.82
N GLY E 114 10.94 43.49 7.20
CA GLY E 114 12.02 42.62 6.82
C GLY E 114 11.56 41.53 5.87
N GLN E 115 12.43 40.53 5.69
CA GLN E 115 12.20 39.47 4.74
C GLN E 115 11.36 38.33 5.32
N GLY E 116 10.67 38.56 6.43
CA GLY E 116 9.76 37.57 6.98
C GLY E 116 10.46 36.40 7.64
N THR E 117 9.71 35.58 8.38
CA THR E 117 10.21 34.33 8.93
C THR E 117 9.30 33.20 8.48
N LEU E 118 9.89 32.10 8.01
CA LEU E 118 9.11 30.94 7.60
C LEU E 118 8.70 30.13 8.81
N VAL E 119 7.46 29.64 8.80
CA VAL E 119 6.91 28.80 9.86
C VAL E 119 6.26 27.61 9.18
N THR E 120 6.81 26.42 9.38
CA THR E 120 6.31 25.19 8.79
C THR E 120 5.58 24.36 9.83
N VAL E 121 4.36 23.94 9.51
CA VAL E 121 3.57 23.08 10.39
C VAL E 121 3.34 21.76 9.67
N SER E 122 3.83 20.67 10.25
CA SER E 122 3.70 19.37 9.62
C SER E 122 3.82 18.27 10.68
N SER E 123 3.03 17.21 10.50
CA SER E 123 3.09 16.03 11.35
C SER E 123 3.86 14.88 10.70
N ALA E 124 4.41 15.09 9.52
CA ALA E 124 5.11 14.04 8.80
C ALA E 124 6.51 13.83 9.36
N SER E 125 7.00 12.59 9.23
CA SER E 125 8.36 12.24 9.59
C SER E 125 8.99 11.50 8.40
N THR E 126 10.30 11.27 8.51
CA THR E 126 11.07 10.68 7.42
C THR E 126 10.42 9.41 6.89
N LYS E 127 10.12 9.41 5.60
CA LYS E 127 9.47 8.28 4.94
C LYS E 127 9.97 8.17 3.52
N GLY E 128 10.40 6.98 3.13
CA GLY E 128 10.82 6.74 1.78
C GLY E 128 9.62 6.61 0.84
N PRO E 129 9.85 6.82 -0.44
CA PRO E 129 8.74 6.79 -1.41
C PRO E 129 8.47 5.38 -1.92
N SER E 130 7.21 5.16 -2.26
CA SER E 130 6.80 4.01 -3.07
C SER E 130 6.68 4.47 -4.51
N VAL E 131 7.21 3.68 -5.43
CA VAL E 131 7.37 4.06 -6.83
C VAL E 131 6.47 3.20 -7.69
N PHE E 132 5.69 3.84 -8.56
CA PHE E 132 4.79 3.14 -9.44
C PHE E 132 5.09 3.48 -10.89
N PRO E 133 5.04 2.50 -11.79
CA PRO E 133 5.30 2.78 -13.20
C PRO E 133 4.11 3.45 -13.87
N LEU E 134 4.39 4.47 -14.67
CA LEU E 134 3.39 5.10 -15.51
C LEU E 134 3.61 4.56 -16.93
N ALA E 135 2.95 3.45 -17.24
CA ALA E 135 3.15 2.79 -18.51
C ALA E 135 2.71 3.69 -19.66
N PRO E 136 3.38 3.60 -20.81
CA PRO E 136 2.92 4.33 -21.99
C PRO E 136 1.67 3.69 -22.59
N SER E 137 0.92 4.51 -23.32
CA SER E 137 -0.33 4.04 -23.93
C SER E 137 -0.05 3.31 -25.25
N GLY E 144 4.26 9.30 -33.30
CA GLY E 144 5.68 9.01 -33.44
C GLY E 144 6.37 8.63 -32.15
N THR E 145 6.05 9.34 -31.07
CA THR E 145 6.69 9.12 -29.78
C THR E 145 5.66 8.66 -28.74
N ALA E 146 6.16 8.36 -27.55
CA ALA E 146 5.34 7.87 -26.45
C ALA E 146 5.87 8.43 -25.14
N ALA E 147 4.96 8.66 -24.19
CA ALA E 147 5.30 9.16 -22.86
C ALA E 147 5.21 8.03 -21.85
N LEU E 148 6.24 7.90 -21.02
CA LEU E 148 6.26 6.93 -19.94
C LEU E 148 7.04 7.53 -18.79
N GLY E 149 6.80 7.02 -17.59
CA GLY E 149 7.49 7.59 -16.46
C GLY E 149 7.28 6.85 -15.16
N CYS E 150 7.61 7.53 -14.07
CA CYS E 150 7.52 7.00 -12.72
C CYS E 150 6.80 7.97 -11.81
N LEU E 151 5.96 7.42 -10.94
CA LEU E 151 5.26 8.19 -9.91
C LEU E 151 5.97 7.94 -8.59
N VAL E 152 6.69 8.95 -8.10
CA VAL E 152 7.40 8.87 -6.83
C VAL E 152 6.48 9.41 -5.75
N LYS E 153 5.93 8.52 -4.94
CA LYS E 153 4.72 8.80 -4.18
C LYS E 153 4.97 8.72 -2.67
N ASP E 154 4.50 9.75 -1.96
CA ASP E 154 4.35 9.75 -0.49
C ASP E 154 5.70 9.60 0.22
N TYR E 155 6.50 10.66 0.10
CA TYR E 155 7.81 10.70 0.75
C TYR E 155 7.94 11.99 1.56
N PHE E 156 8.95 12.03 2.41
CA PHE E 156 9.22 13.18 3.27
C PHE E 156 10.60 13.02 3.90
N PRO E 157 11.42 14.08 3.95
CA PRO E 157 11.18 15.38 3.33
C PRO E 157 11.79 15.50 1.94
N GLU E 158 11.76 16.70 1.36
CA GLU E 158 12.49 16.96 0.14
C GLU E 158 13.99 16.72 0.37
N PRO E 159 14.75 16.39 -0.67
CA PRO E 159 14.37 16.13 -2.06
C PRO E 159 14.55 14.67 -2.49
N VAL E 160 14.00 14.33 -3.66
CA VAL E 160 14.30 13.07 -4.32
C VAL E 160 14.96 13.38 -5.65
N THR E 161 15.80 12.45 -6.11
CA THR E 161 16.46 12.52 -7.40
C THR E 161 15.93 11.40 -8.29
N VAL E 162 15.67 11.73 -9.55
CA VAL E 162 15.23 10.75 -10.54
C VAL E 162 16.15 10.83 -11.75
N SER E 163 16.65 9.67 -12.18
CA SER E 163 17.35 9.56 -13.44
C SER E 163 16.87 8.30 -14.15
N TRP E 164 17.13 8.23 -15.45
CA TRP E 164 16.67 7.12 -16.27
C TRP E 164 17.87 6.38 -16.85
N ASN E 165 17.78 5.04 -16.85
CA ASN E 165 18.81 4.18 -17.42
C ASN E 165 20.19 4.52 -16.84
N SER E 166 20.23 4.70 -15.52
CA SER E 166 21.46 4.98 -14.77
C SER E 166 22.16 6.25 -15.25
N GLY E 167 21.42 7.18 -15.85
CA GLY E 167 21.98 8.42 -16.34
C GLY E 167 22.23 8.44 -17.83
N ALA E 168 22.24 7.28 -18.49
CA ALA E 168 22.50 7.24 -19.92
C ALA E 168 21.43 8.00 -20.71
N LEU E 169 20.18 7.94 -20.26
CA LEU E 169 19.08 8.62 -20.93
C LEU E 169 18.87 9.99 -20.28
N THR E 170 19.01 11.06 -21.08
CA THR E 170 18.82 12.41 -20.56
C THR E 170 17.93 13.25 -21.47
N SER E 171 17.90 12.93 -22.77
CA SER E 171 17.06 13.68 -23.69
C SER E 171 15.61 13.24 -23.54
N GLY E 172 14.71 14.22 -23.46
CA GLY E 172 13.30 13.94 -23.29
C GLY E 172 12.86 13.65 -21.88
N VAL E 173 13.75 13.84 -20.89
CA VAL E 173 13.42 13.57 -19.50
C VAL E 173 12.90 14.86 -18.87
N HIS E 174 11.69 14.81 -18.28
CA HIS E 174 11.16 15.94 -17.54
C HIS E 174 10.86 15.44 -16.14
N THR E 175 11.59 15.91 -15.13
CA THR E 175 11.23 15.61 -13.76
C THR E 175 10.43 16.79 -13.21
N PHE E 176 9.14 16.55 -12.91
CA PHE E 176 8.28 17.64 -12.46
C PHE E 176 8.48 17.93 -10.98
N PRO E 177 8.36 19.20 -10.57
CA PRO E 177 8.44 19.52 -9.14
C PRO E 177 7.34 18.81 -8.35
N ALA E 178 7.60 18.60 -7.06
CA ALA E 178 6.72 17.80 -6.24
C ALA E 178 5.48 18.56 -5.80
N VAL E 179 4.43 17.81 -5.49
CA VAL E 179 3.23 18.34 -4.86
C VAL E 179 3.26 17.96 -3.39
N LEU E 180 2.73 18.85 -2.55
CA LEU E 180 2.61 18.63 -1.11
C LEU E 180 1.15 18.31 -0.78
N GLN E 181 0.86 17.07 -0.41
CA GLN E 181 -0.52 16.72 -0.15
C GLN E 181 -0.90 17.15 1.26
N SER E 182 -2.16 16.93 1.62
CA SER E 182 -2.63 17.36 2.93
C SER E 182 -1.98 16.57 4.05
N SER E 183 -1.64 15.30 3.78
CA SER E 183 -1.00 14.45 4.78
C SER E 183 0.39 14.93 5.19
N GLY E 184 0.92 15.98 4.55
CA GLY E 184 2.25 16.44 4.83
C GLY E 184 3.36 15.73 4.07
N LEU E 185 3.03 14.80 3.19
CA LEU E 185 4.00 14.09 2.38
C LEU E 185 4.12 14.72 0.99
N TYR E 186 5.15 14.31 0.27
CA TYR E 186 5.38 14.80 -1.09
C TYR E 186 5.20 13.68 -2.11
N SER E 187 4.82 14.07 -3.32
CA SER E 187 4.80 13.19 -4.49
C SER E 187 5.20 13.99 -5.71
N LEU E 188 5.94 13.35 -6.62
CA LEU E 188 6.28 13.96 -7.90
C LEU E 188 6.23 12.90 -8.99
N SER E 189 6.39 13.36 -10.23
CA SER E 189 6.43 12.49 -11.39
C SER E 189 7.62 12.85 -12.25
N SER E 190 8.16 11.85 -12.93
CA SER E 190 9.26 12.03 -13.87
C SER E 190 8.92 11.30 -15.16
N VAL E 191 8.86 12.03 -16.26
CA VAL E 191 8.45 11.49 -17.55
C VAL E 191 9.62 11.59 -18.52
N VAL E 192 9.78 10.55 -19.34
CA VAL E 192 10.72 10.55 -20.45
C VAL E 192 9.91 10.35 -21.72
N THR E 193 10.19 11.16 -22.74
CA THR E 193 9.53 11.05 -24.04
C THR E 193 10.49 10.33 -25.00
N VAL E 194 10.04 9.19 -25.51
CA VAL E 194 10.92 8.31 -26.29
C VAL E 194 10.20 7.93 -27.58
N PRO E 195 10.94 7.48 -28.60
CA PRO E 195 10.29 6.99 -29.82
C PRO E 195 9.44 5.77 -29.52
N SER E 196 8.26 5.72 -30.15
CA SER E 196 7.33 4.63 -29.91
C SER E 196 7.86 3.31 -30.47
N SER E 197 8.73 3.37 -31.48
CA SER E 197 9.28 2.15 -32.07
C SER E 197 10.23 1.44 -31.12
N SER E 198 10.90 2.18 -30.24
CA SER E 198 11.88 1.59 -29.34
C SER E 198 11.25 0.89 -28.13
N LEU E 199 9.92 0.95 -27.99
CA LEU E 199 9.30 0.44 -26.77
C LEU E 199 9.51 -1.06 -26.58
N GLY E 200 9.60 -1.81 -27.67
CA GLY E 200 9.78 -3.24 -27.59
C GLY E 200 11.21 -3.71 -27.60
N THR E 201 12.15 -2.80 -27.83
CA THR E 201 13.57 -3.11 -27.94
C THR E 201 14.44 -2.43 -26.89
N GLN E 202 14.20 -1.16 -26.57
CA GLN E 202 15.00 -0.45 -25.56
C GLN E 202 14.29 -0.52 -24.21
N THR E 203 15.06 -0.84 -23.17
CA THR E 203 14.55 -0.93 -21.81
C THR E 203 14.68 0.40 -21.08
N TYR E 204 13.64 0.77 -20.30
CA TYR E 204 13.61 2.03 -19.56
C TYR E 204 13.41 1.76 -18.09
N ILE E 205 14.42 2.11 -17.27
CA ILE E 205 14.34 2.02 -15.81
C ILE E 205 14.54 3.41 -15.24
N CYS E 206 13.66 3.82 -14.34
CA CYS E 206 13.84 5.08 -13.63
C CYS E 206 14.52 4.78 -12.30
N ASN E 207 15.47 5.64 -11.93
CA ASN E 207 16.29 5.47 -10.75
C ASN E 207 15.84 6.52 -9.74
N VAL E 208 15.26 6.08 -8.63
CA VAL E 208 14.78 7.00 -7.60
C VAL E 208 15.75 6.96 -6.43
N ASN E 209 16.12 8.12 -5.93
CA ASN E 209 17.04 8.24 -4.79
C ASN E 209 16.49 9.26 -3.82
N HIS E 210 16.26 8.83 -2.58
CA HIS E 210 15.77 9.70 -1.50
C HIS E 210 16.80 9.66 -0.38
N LYS E 211 17.81 10.52 -0.49
CA LYS E 211 18.87 10.56 0.52
C LYS E 211 18.36 10.80 1.94
N PRO E 212 17.40 11.68 2.21
CA PRO E 212 16.96 11.88 3.61
C PRO E 212 16.52 10.60 4.32
N SER E 213 16.00 9.61 3.60
CA SER E 213 15.64 8.33 4.20
C SER E 213 16.56 7.19 3.78
N ASN E 214 17.61 7.48 3.02
CA ASN E 214 18.51 6.47 2.45
C ASN E 214 17.72 5.33 1.78
N THR E 215 16.89 5.71 0.82
CA THR E 215 16.11 4.77 0.03
C THR E 215 16.48 4.97 -1.44
N LYS E 216 16.72 3.86 -2.14
CA LYS E 216 16.94 3.88 -3.58
C LYS E 216 16.06 2.82 -4.20
N VAL E 217 15.36 3.20 -5.26
CA VAL E 217 14.45 2.29 -5.96
C VAL E 217 14.79 2.34 -7.45
N ASP E 218 14.91 1.16 -8.05
CA ASP E 218 14.93 1.01 -9.50
C ASP E 218 13.69 0.25 -9.92
N LYS E 219 12.98 0.77 -10.92
CA LYS E 219 11.70 0.22 -11.36
C LYS E 219 11.67 0.29 -12.88
N LYS E 220 11.44 -0.85 -13.53
CA LYS E 220 11.35 -0.89 -14.98
C LYS E 220 9.96 -0.48 -15.44
N VAL E 221 9.89 0.51 -16.32
CA VAL E 221 8.62 0.97 -16.88
C VAL E 221 8.38 0.26 -18.20
N GLU E 222 7.21 -0.35 -18.33
CA GLU E 222 6.97 -1.38 -19.30
C GLU E 222 5.58 -1.24 -19.89
N PRO E 223 5.43 -1.41 -21.19
CA PRO E 223 4.11 -1.26 -21.82
C PRO E 223 3.07 -2.14 -21.13
N LYS E 224 1.88 -1.58 -20.93
CA LYS E 224 0.80 -2.27 -20.22
C LYS E 224 0.24 -3.47 -20.99
N ALA F 3 -12.36 39.58 -0.08
CA ALA F 3 -11.30 39.52 -1.06
C ALA F 3 -11.57 40.48 -2.21
N LEU F 4 -10.50 41.08 -2.74
CA LEU F 4 -10.59 41.85 -3.98
C LEU F 4 -10.26 40.95 -5.16
N THR F 5 -10.82 41.30 -6.31
CA THR F 5 -10.69 40.48 -7.51
C THR F 5 -9.69 41.13 -8.47
N GLN F 6 -8.65 40.39 -8.84
CA GLN F 6 -7.70 40.76 -9.86
C GLN F 6 -7.67 39.70 -10.95
N PRO F 7 -7.30 40.05 -12.17
CA PRO F 7 -7.08 39.01 -13.18
C PRO F 7 -5.92 38.12 -12.77
N ALA F 8 -6.06 36.83 -13.07
CA ALA F 8 -5.01 35.87 -12.71
C ALA F 8 -3.67 36.26 -13.30
N SER F 9 -3.66 36.63 -14.58
CA SER F 9 -2.40 36.90 -15.26
C SER F 9 -2.60 38.00 -16.30
N VAL F 10 -1.50 38.68 -16.61
CA VAL F 10 -1.43 39.78 -17.58
C VAL F 10 -0.04 39.76 -18.20
N SER F 11 0.02 39.97 -19.50
CA SER F 11 1.29 39.95 -20.21
C SER F 11 1.37 41.13 -21.17
N GLY F 12 2.58 41.50 -21.52
CA GLY F 12 2.83 42.56 -22.47
C GLY F 12 4.26 42.52 -22.95
N SER F 13 4.48 43.17 -24.09
CA SER F 13 5.82 43.22 -24.65
C SER F 13 6.61 44.38 -24.08
N PRO F 14 7.95 44.30 -24.10
CA PRO F 14 8.75 45.40 -23.56
C PRO F 14 8.45 46.71 -24.27
N GLY F 15 8.35 47.78 -23.48
CA GLY F 15 8.01 49.09 -23.98
C GLY F 15 6.54 49.41 -24.00
N GLN F 16 5.68 48.39 -23.99
CA GLN F 16 4.24 48.61 -24.06
C GLN F 16 3.70 49.06 -22.70
N SER F 17 2.40 49.34 -22.66
CA SER F 17 1.67 49.60 -21.43
C SER F 17 0.71 48.46 -21.12
N ILE F 18 0.46 48.28 -19.82
CA ILE F 18 -0.50 47.31 -19.30
C ILE F 18 -1.24 47.94 -18.12
N THR F 19 -2.39 47.35 -17.81
CA THR F 19 -3.17 47.74 -16.65
C THR F 19 -3.61 46.49 -15.89
N ILE F 20 -3.56 46.55 -14.57
CA ILE F 20 -4.10 45.51 -13.70
C ILE F 20 -5.25 46.12 -12.91
N SER F 21 -6.41 45.46 -12.93
CA SER F 21 -7.59 45.97 -12.26
C SER F 21 -7.77 45.30 -10.91
N CYS F 22 -8.45 45.99 -10.01
CA CYS F 22 -8.68 45.54 -8.64
C CYS F 22 -10.13 45.90 -8.29
N THR F 23 -11.04 44.96 -8.49
CA THR F 23 -12.47 45.20 -8.28
C THR F 23 -12.82 44.88 -6.82
N GLY F 24 -13.18 45.91 -6.06
CA GLY F 24 -13.64 45.73 -4.70
C GLY F 24 -15.14 45.96 -4.57
N THR F 25 -15.56 46.50 -3.44
CA THR F 25 -16.97 46.82 -3.20
C THR F 25 -17.05 48.20 -2.56
N SER F 26 -18.27 48.61 -2.22
CA SER F 26 -18.47 49.89 -1.56
C SER F 26 -17.83 49.94 -0.17
N SER F 27 -17.55 48.79 0.43
CA SER F 27 -17.01 48.74 1.78
C SER F 27 -15.49 48.93 1.84
N ASP F 28 -14.80 49.08 0.71
CA ASP F 28 -13.35 49.12 0.78
C ASP F 28 -12.71 50.04 -0.26
N VAL F 29 -12.76 49.67 -1.54
CA VAL F 29 -12.21 50.57 -2.55
C VAL F 29 -13.16 51.73 -2.81
N GLY F 30 -14.46 51.50 -2.70
CA GLY F 30 -15.42 52.55 -3.00
C GLY F 30 -15.49 53.65 -1.96
N SER F 31 -15.12 53.36 -0.71
CA SER F 31 -15.35 54.27 0.39
C SER F 31 -14.09 54.91 0.97
N TYR F 32 -12.90 54.50 0.53
CA TYR F 32 -11.67 54.99 1.10
C TYR F 32 -10.63 55.18 0.01
N ASN F 33 -9.74 56.15 0.23
CA ASN F 33 -8.59 56.36 -0.65
C ASN F 33 -7.34 55.67 -0.13
N TYR F 34 -7.50 54.45 0.40
CA TYR F 34 -6.37 53.71 0.95
C TYR F 34 -6.14 52.42 0.17
N VAL F 35 -5.84 52.53 -1.12
CA VAL F 35 -5.53 51.37 -1.96
C VAL F 35 -4.03 51.33 -2.18
N SER F 36 -3.41 50.20 -1.81
CA SER F 36 -1.99 49.99 -2.00
C SER F 36 -1.75 48.91 -3.04
N TRP F 37 -0.60 48.99 -3.71
CA TRP F 37 -0.18 48.01 -4.70
C TRP F 37 1.20 47.49 -4.32
N TYR F 38 1.37 46.17 -4.36
CA TYR F 38 2.61 45.53 -3.94
C TYR F 38 3.19 44.72 -5.09
N GLN F 39 4.51 44.76 -5.23
CA GLN F 39 5.23 44.00 -6.23
C GLN F 39 6.08 42.93 -5.56
N GLN F 40 6.05 41.71 -6.09
CA GLN F 40 6.77 40.59 -5.51
C GLN F 40 7.52 39.82 -6.58
N HIS F 41 8.85 39.88 -6.53
CA HIS F 41 9.71 39.04 -7.33
C HIS F 41 9.90 37.69 -6.64
N PRO F 42 10.24 36.65 -7.39
CA PRO F 42 10.39 35.31 -6.80
C PRO F 42 11.32 35.30 -5.58
N GLY F 43 10.81 34.75 -4.48
CA GLY F 43 11.62 34.62 -3.28
C GLY F 43 11.91 35.89 -2.52
N LYS F 44 11.22 36.99 -2.85
CA LYS F 44 11.48 38.27 -2.20
C LYS F 44 10.22 38.75 -1.50
N ALA F 45 10.42 39.65 -0.54
CA ALA F 45 9.29 40.21 0.19
C ALA F 45 8.57 41.24 -0.69
N PRO F 46 7.25 41.34 -0.58
CA PRO F 46 6.52 42.33 -1.39
C PRO F 46 7.02 43.74 -1.13
N LYS F 47 7.10 44.53 -2.21
CA LYS F 47 7.59 45.90 -2.17
C LYS F 47 6.44 46.86 -2.49
N LEU F 48 6.26 47.87 -1.64
CA LEU F 48 5.20 48.85 -1.83
C LEU F 48 5.50 49.71 -3.05
N MET F 49 4.58 49.71 -4.02
CA MET F 49 4.72 50.44 -5.27
C MET F 49 3.82 51.67 -5.36
N ILE F 50 2.58 51.55 -4.86
CA ILE F 50 1.58 52.62 -4.82
C ILE F 50 0.94 52.57 -3.44
N TYR F 51 0.67 53.73 -2.88
CA TYR F 51 -0.09 53.82 -1.64
C TYR F 51 -1.03 55.01 -1.73
N ASP F 52 -2.14 54.93 -1.01
CA ASP F 52 -3.16 55.98 -1.03
C ASP F 52 -3.67 56.21 -2.45
N VAL F 53 -3.92 55.12 -3.16
CA VAL F 53 -4.50 55.08 -4.50
C VAL F 53 -3.50 55.54 -5.56
N THR F 54 -2.89 56.72 -5.38
CA THR F 54 -2.09 57.32 -6.45
C THR F 54 -0.63 57.59 -6.11
N LYS F 55 -0.27 57.69 -4.84
CA LYS F 55 1.04 58.20 -4.45
C LYS F 55 2.12 57.11 -4.48
N ARG F 56 3.33 57.50 -4.88
CA ARG F 56 4.48 56.60 -5.02
C ARG F 56 5.48 56.83 -3.91
N PRO F 57 6.01 55.77 -3.29
CA PRO F 57 7.12 55.93 -2.36
C PRO F 57 8.38 56.35 -3.09
N SER F 58 9.29 56.97 -2.34
CA SER F 58 10.58 57.39 -2.89
C SER F 58 11.32 56.19 -3.45
N GLY F 59 11.83 56.35 -4.68
CA GLY F 59 12.54 55.29 -5.38
C GLY F 59 11.74 54.61 -6.48
N VAL F 60 10.43 54.54 -6.33
CA VAL F 60 9.57 53.91 -7.35
C VAL F 60 9.53 54.78 -8.59
N PRO F 61 9.79 54.22 -9.78
CA PRO F 61 9.76 55.04 -11.00
C PRO F 61 8.36 55.54 -11.31
N ASP F 62 8.31 56.64 -12.06
CA ASP F 62 7.03 57.25 -12.42
C ASP F 62 6.28 56.49 -13.50
N ARG F 63 6.85 55.40 -14.04
CA ARG F 63 6.11 54.56 -14.96
C ARG F 63 4.95 53.86 -14.26
N PHE F 64 5.06 53.65 -12.96
CA PHE F 64 3.99 53.07 -12.16
C PHE F 64 3.04 54.17 -11.72
N SER F 65 1.76 54.00 -12.00
CA SER F 65 0.75 54.98 -11.60
C SER F 65 -0.51 54.24 -11.18
N GLY F 66 -1.25 54.83 -10.27
CA GLY F 66 -2.47 54.25 -9.75
C GLY F 66 -3.66 55.17 -9.98
N SER F 67 -4.84 54.56 -10.09
CA SER F 67 -6.07 55.30 -10.28
C SER F 67 -7.22 54.51 -9.66
N LYS F 68 -8.34 55.20 -9.45
CA LYS F 68 -9.51 54.57 -8.86
C LYS F 68 -10.76 55.18 -9.48
N SER F 69 -11.76 54.35 -9.75
CA SER F 69 -13.06 54.82 -10.21
C SER F 69 -14.12 53.85 -9.72
N GLY F 70 -15.11 54.38 -9.00
CA GLY F 70 -16.12 53.53 -8.39
C GLY F 70 -15.48 52.58 -7.39
N ASN F 71 -15.77 51.28 -7.53
CA ASN F 71 -15.18 50.27 -6.67
C ASN F 71 -13.98 49.57 -7.31
N THR F 72 -13.45 50.12 -8.40
CA THR F 72 -12.39 49.47 -9.17
C THR F 72 -11.14 50.32 -9.13
N ALA F 73 -10.05 49.74 -8.64
CA ALA F 73 -8.73 50.36 -8.65
C ALA F 73 -7.88 49.78 -9.77
N SER F 74 -6.97 50.59 -10.28
CA SER F 74 -6.12 50.17 -11.39
C SER F 74 -4.68 50.58 -11.14
N LEU F 75 -3.75 49.69 -11.48
CA LEU F 75 -2.34 50.00 -11.56
C LEU F 75 -1.91 49.90 -13.02
N THR F 76 -1.21 50.91 -13.50
CA THR F 76 -0.76 50.98 -14.90
C THR F 76 0.74 51.11 -14.94
N ILE F 77 1.39 50.29 -15.77
CA ILE F 77 2.83 50.32 -15.95
C ILE F 77 3.10 50.66 -17.42
N SER F 78 3.75 51.80 -17.66
CA SER F 78 4.13 52.22 -19.00
C SER F 78 5.61 51.92 -19.24
N GLY F 79 5.94 51.56 -20.48
CA GLY F 79 7.30 51.23 -20.84
C GLY F 79 7.81 50.02 -20.11
N LEU F 80 7.18 48.86 -20.36
CA LEU F 80 7.50 47.62 -19.68
C LEU F 80 8.99 47.31 -19.74
N GLN F 81 9.57 47.02 -18.59
CA GLN F 81 10.96 46.61 -18.45
C GLN F 81 11.00 45.12 -18.13
N ALA F 82 12.13 44.49 -18.44
CA ALA F 82 12.30 43.08 -18.09
C ALA F 82 12.14 42.86 -16.59
N GLU F 83 12.58 43.82 -15.78
CA GLU F 83 12.50 43.72 -14.32
C GLU F 83 11.09 43.91 -13.79
N ASP F 84 10.13 44.32 -14.63
CA ASP F 84 8.76 44.53 -14.15
C ASP F 84 8.00 43.22 -14.00
N GLU F 85 8.46 42.14 -14.63
CA GLU F 85 7.86 40.82 -14.49
C GLU F 85 7.87 40.37 -13.04
N ALA F 86 6.69 40.30 -12.41
CA ALA F 86 6.57 39.93 -11.01
C ALA F 86 5.09 39.69 -10.70
N ASP F 87 4.81 39.37 -9.44
CA ASP F 87 3.44 39.27 -8.96
C ASP F 87 3.00 40.59 -8.35
N TYR F 88 1.77 41.00 -8.66
CA TYR F 88 1.23 42.27 -8.18
C TYR F 88 -0.03 42.02 -7.39
N TYR F 89 -0.08 42.58 -6.18
CA TYR F 89 -1.23 42.46 -5.29
C TYR F 89 -1.77 43.85 -4.98
N CYS F 90 -3.08 44.01 -5.09
CA CYS F 90 -3.69 45.24 -4.58
C CYS F 90 -4.16 45.02 -3.16
N SER F 91 -4.33 46.12 -2.43
CA SER F 91 -4.75 46.07 -1.04
C SER F 91 -5.58 47.31 -0.73
N SER F 92 -6.64 47.12 0.04
CA SER F 92 -7.54 48.21 0.34
C SER F 92 -7.95 48.18 1.81
N TYR F 93 -8.06 49.36 2.40
CA TYR F 93 -8.70 49.52 3.71
C TYR F 93 -10.18 49.18 3.61
N THR F 94 -10.72 48.62 4.68
CA THR F 94 -12.12 48.21 4.73
C THR F 94 -12.84 48.94 5.84
N SER F 95 -14.17 49.06 5.70
CA SER F 95 -15.02 49.70 6.70
C SER F 95 -15.11 48.93 8.00
N SER F 96 -14.46 47.77 8.11
CA SER F 96 -14.32 47.04 9.37
C SER F 96 -12.99 47.35 10.04
N SER F 97 -12.30 48.40 9.60
CA SER F 97 -10.98 48.80 10.10
C SER F 97 -9.92 47.73 9.85
N THR F 98 -10.18 46.85 8.88
CA THR F 98 -9.26 45.79 8.49
C THR F 98 -8.70 46.07 7.10
N TRP F 99 -7.73 45.27 6.69
CA TRP F 99 -7.19 45.31 5.35
C TRP F 99 -7.47 43.98 4.65
N VAL F 100 -7.68 44.06 3.33
CA VAL F 100 -7.88 42.88 2.51
C VAL F 100 -6.96 42.98 1.29
N PHE F 101 -6.67 41.82 0.72
CA PHE F 101 -5.78 41.69 -0.41
C PHE F 101 -6.54 41.16 -1.62
N GLY F 102 -6.04 41.47 -2.81
CA GLY F 102 -6.50 40.80 -3.99
C GLY F 102 -5.79 39.48 -4.18
N GLY F 103 -6.29 38.68 -5.12
CA GLY F 103 -5.69 37.38 -5.33
C GLY F 103 -4.30 37.40 -5.92
N GLY F 104 -3.86 38.55 -6.43
CA GLY F 104 -2.58 38.63 -7.10
C GLY F 104 -2.69 38.47 -8.60
N THR F 105 -1.91 39.26 -9.34
CA THR F 105 -1.83 39.15 -10.79
C THR F 105 -0.40 38.83 -11.18
N LYS F 106 -0.21 37.66 -11.80
CA LYS F 106 1.09 37.33 -12.37
C LYS F 106 1.30 38.14 -13.65
N LEU F 107 2.42 38.85 -13.73
CA LEU F 107 2.69 39.75 -14.84
C LEU F 107 3.94 39.28 -15.57
N THR F 108 3.77 38.92 -16.84
CA THR F 108 4.85 38.41 -17.68
C THR F 108 5.24 39.43 -18.72
N VAL F 109 6.52 39.76 -18.79
CA VAL F 109 7.08 40.60 -19.85
C VAL F 109 7.53 39.67 -20.96
N LEU F 110 6.77 39.65 -22.06
CA LEU F 110 6.92 38.62 -23.09
C LEU F 110 8.32 38.60 -23.66
N GLY F 111 8.92 37.41 -23.68
CA GLY F 111 10.26 37.24 -24.21
C GLY F 111 10.36 36.17 -25.28
N GLN F 112 9.25 35.52 -25.59
CA GLN F 112 9.22 34.48 -26.62
C GLN F 112 7.77 34.28 -27.05
N PRO F 113 7.54 33.62 -28.19
CA PRO F 113 6.15 33.39 -28.62
C PRO F 113 5.36 32.58 -27.60
N LYS F 114 4.09 32.94 -27.45
CA LYS F 114 3.20 32.20 -26.55
C LYS F 114 3.06 30.75 -27.02
N ALA F 115 3.00 29.84 -26.05
CA ALA F 115 2.93 28.41 -26.33
C ALA F 115 1.81 27.76 -25.51
N ALA F 116 1.07 26.86 -26.16
CA ALA F 116 0.03 26.13 -25.46
C ALA F 116 0.62 24.93 -24.72
N PRO F 117 0.04 24.56 -23.58
CA PRO F 117 0.61 23.46 -22.81
C PRO F 117 0.36 22.11 -23.46
N SER F 118 1.37 21.24 -23.38
CA SER F 118 1.20 19.83 -23.66
C SER F 118 0.71 19.14 -22.39
N VAL F 119 -0.29 18.28 -22.53
CA VAL F 119 -0.93 17.61 -21.40
C VAL F 119 -0.85 16.11 -21.60
N THR F 120 -0.28 15.41 -20.62
CA THR F 120 -0.24 13.95 -20.61
C THR F 120 -0.96 13.46 -19.36
N LEU F 121 -1.91 12.53 -19.55
CA LEU F 121 -2.72 12.01 -18.45
C LEU F 121 -2.44 10.52 -18.29
N PHE F 122 -2.03 10.11 -17.09
CA PHE F 122 -1.78 8.70 -16.79
C PHE F 122 -2.86 8.15 -15.89
N PRO F 123 -3.45 7.01 -16.25
CA PRO F 123 -4.43 6.36 -15.37
C PRO F 123 -3.74 5.70 -14.19
N PRO F 124 -4.48 5.21 -13.20
CA PRO F 124 -3.83 4.48 -12.11
C PRO F 124 -3.20 3.19 -12.61
N SER F 125 -1.99 2.93 -12.17
CA SER F 125 -1.30 1.70 -12.55
C SER F 125 -1.89 0.51 -11.79
N SER F 126 -1.78 -0.67 -12.39
CA SER F 126 -2.30 -1.86 -11.74
C SER F 126 -1.58 -2.15 -10.43
N GLU F 127 -0.29 -1.84 -10.35
CA GLU F 127 0.44 -2.01 -9.10
C GLU F 127 -0.17 -1.17 -7.99
N GLU F 128 -0.57 0.06 -8.30
CA GLU F 128 -1.14 0.93 -7.28
C GLU F 128 -2.53 0.47 -6.88
N LEU F 129 -3.34 0.02 -7.85
CA LEU F 129 -4.67 -0.46 -7.53
C LEU F 129 -4.63 -1.61 -6.54
N GLN F 130 -3.67 -2.52 -6.70
CA GLN F 130 -3.52 -3.64 -5.76
C GLN F 130 -3.09 -3.19 -4.37
N ALA F 131 -2.71 -1.93 -4.21
CA ALA F 131 -2.43 -1.36 -2.89
C ALA F 131 -3.63 -0.60 -2.34
N ASN F 132 -4.81 -0.77 -2.94
CA ASN F 132 -6.05 -0.11 -2.52
C ASN F 132 -5.94 1.41 -2.61
N LYS F 133 -5.23 1.89 -3.63
CA LYS F 133 -5.08 3.33 -3.89
C LYS F 133 -5.10 3.56 -5.39
N ALA F 134 -5.52 4.77 -5.78
CA ALA F 134 -5.64 5.12 -7.19
C ALA F 134 -5.30 6.59 -7.37
N THR F 135 -4.30 6.90 -8.20
CA THR F 135 -3.86 8.26 -8.43
C THR F 135 -3.86 8.56 -9.92
N LEU F 136 -4.51 9.65 -10.32
CA LEU F 136 -4.46 10.14 -11.68
C LEU F 136 -3.42 11.25 -11.77
N VAL F 137 -2.52 11.14 -12.74
CA VAL F 137 -1.41 12.08 -12.87
C VAL F 137 -1.59 12.87 -14.16
N CYS F 138 -1.73 14.19 -14.02
CA CYS F 138 -1.88 15.09 -15.16
C CYS F 138 -0.66 16.00 -15.20
N LEU F 139 0.17 15.82 -16.22
CA LEU F 139 1.42 16.55 -16.37
C LEU F 139 1.30 17.58 -17.48
N ILE F 140 1.66 18.82 -17.15
CA ILE F 140 1.43 19.99 -17.99
C ILE F 140 2.79 20.61 -18.27
N SER F 141 3.14 20.76 -19.55
CA SER F 141 4.48 21.25 -19.87
C SER F 141 4.45 22.17 -21.09
N ASP F 142 5.50 22.99 -21.18
CA ASP F 142 5.82 23.79 -22.38
C ASP F 142 4.73 24.81 -22.70
N PHE F 143 4.34 25.60 -21.69
CA PHE F 143 3.40 26.69 -21.90
C PHE F 143 4.02 28.01 -21.46
N TYR F 144 3.68 29.08 -22.18
CA TYR F 144 4.18 30.41 -21.91
C TYR F 144 3.07 31.39 -22.30
N PRO F 145 2.74 32.38 -21.45
CA PRO F 145 3.32 32.59 -20.12
C PRO F 145 2.89 31.53 -19.11
N GLY F 146 3.51 31.55 -17.93
CA GLY F 146 3.33 30.49 -16.97
C GLY F 146 2.13 30.67 -16.05
N ALA F 147 0.92 30.62 -16.63
CA ALA F 147 -0.31 30.73 -15.87
C ALA F 147 -1.35 29.80 -16.47
N VAL F 148 -1.82 28.82 -15.69
CA VAL F 148 -2.83 27.87 -16.12
C VAL F 148 -3.77 27.58 -14.96
N THR F 149 -4.89 26.93 -15.30
CA THR F 149 -5.83 26.39 -14.34
C THR F 149 -6.17 24.96 -14.75
N VAL F 150 -6.42 24.12 -13.75
CA VAL F 150 -6.70 22.71 -13.96
C VAL F 150 -8.07 22.40 -13.37
N ALA F 151 -8.87 21.65 -14.12
CA ALA F 151 -10.15 21.16 -13.62
C ALA F 151 -10.29 19.69 -13.98
N TRP F 152 -10.76 18.89 -13.03
CA TRP F 152 -10.98 17.46 -13.26
C TRP F 152 -12.47 17.17 -13.43
N LYS F 153 -12.75 16.18 -14.28
CA LYS F 153 -14.12 15.77 -14.56
C LYS F 153 -14.25 14.26 -14.38
N ALA F 154 -15.24 13.84 -13.57
CA ALA F 154 -15.65 12.45 -13.47
C ALA F 154 -16.86 12.25 -14.36
N ASP F 155 -16.70 11.48 -15.44
CA ASP F 155 -17.64 11.52 -16.55
C ASP F 155 -17.76 12.96 -17.00
N SER F 156 -18.95 13.55 -16.81
CA SER F 156 -19.21 14.92 -17.20
C SER F 156 -19.34 15.88 -16.03
N SER F 157 -19.14 15.41 -14.80
CA SER F 157 -19.37 16.23 -13.62
C SER F 157 -18.06 16.74 -13.04
N PRO F 158 -18.04 17.99 -12.57
CA PRO F 158 -16.81 18.52 -11.95
C PRO F 158 -16.44 17.75 -10.69
N VAL F 159 -15.15 17.66 -10.44
CA VAL F 159 -14.61 17.07 -9.22
C VAL F 159 -13.65 18.07 -8.61
N LYS F 160 -13.75 18.25 -7.29
CA LYS F 160 -12.83 19.10 -6.55
C LYS F 160 -12.15 18.37 -5.39
N ALA F 161 -12.83 17.42 -4.76
CA ALA F 161 -12.22 16.66 -3.67
C ALA F 161 -11.14 15.74 -4.22
N GLY F 162 -9.98 15.73 -3.56
CA GLY F 162 -8.89 14.88 -3.94
C GLY F 162 -7.95 15.43 -4.98
N VAL F 163 -7.96 16.74 -5.22
CA VAL F 163 -7.15 17.37 -6.27
C VAL F 163 -6.00 18.11 -5.60
N GLU F 164 -4.78 17.88 -6.10
CA GLU F 164 -3.59 18.61 -5.68
C GLU F 164 -2.87 19.09 -6.93
N THR F 165 -2.71 20.40 -7.06
CA THR F 165 -2.05 21.01 -8.21
C THR F 165 -0.82 21.78 -7.74
N THR F 166 0.26 21.70 -8.51
CA THR F 166 1.49 22.42 -8.18
C THR F 166 1.48 23.79 -8.84
N THR F 167 2.23 24.72 -8.24
CA THR F 167 2.49 25.99 -8.88
C THR F 167 3.36 25.78 -10.11
N PRO F 168 3.21 26.62 -11.13
CA PRO F 168 4.06 26.50 -12.32
C PRO F 168 5.52 26.79 -11.98
N SER F 169 6.42 26.15 -12.72
CA SER F 169 7.85 26.29 -12.53
C SER F 169 8.54 26.38 -13.89
N LYS F 170 9.56 27.24 -13.98
CA LYS F 170 10.26 27.43 -15.24
C LYS F 170 11.01 26.17 -15.65
N GLN F 171 10.85 25.79 -16.91
CA GLN F 171 11.67 24.74 -17.49
C GLN F 171 13.02 25.31 -17.91
N SER F 172 13.89 24.46 -18.44
CA SER F 172 15.18 24.91 -18.93
C SER F 172 15.03 25.81 -20.16
N ASN F 173 14.04 25.52 -21.01
CA ASN F 173 13.79 26.29 -22.23
C ASN F 173 12.92 27.52 -21.98
N ASN F 174 12.83 28.00 -20.74
CA ASN F 174 12.14 29.21 -20.31
C ASN F 174 10.62 29.09 -20.36
N LYS F 175 10.07 28.00 -20.87
CA LYS F 175 8.64 27.74 -20.74
C LYS F 175 8.35 27.19 -19.35
N TYR F 176 7.08 26.90 -19.08
CA TYR F 176 6.65 26.52 -17.75
C TYR F 176 6.03 25.13 -17.74
N ALA F 177 6.06 24.51 -16.56
CA ALA F 177 5.48 23.19 -16.35
C ALA F 177 4.74 23.16 -15.03
N ALA F 178 3.77 22.25 -14.94
CA ALA F 178 3.01 22.03 -13.71
C ALA F 178 2.43 20.63 -13.76
N SER F 179 1.90 20.19 -12.61
CA SER F 179 1.31 18.87 -12.50
C SER F 179 0.12 18.91 -11.56
N SER F 180 -0.84 18.02 -11.82
CA SER F 180 -2.04 17.91 -11.00
C SER F 180 -2.32 16.44 -10.72
N TYR F 181 -2.71 16.15 -9.49
CA TYR F 181 -2.97 14.79 -9.04
C TYR F 181 -4.39 14.66 -8.52
N LEU F 182 -5.08 13.60 -8.93
CA LEU F 182 -6.41 13.28 -8.44
C LEU F 182 -6.35 11.96 -7.69
N SER F 183 -6.62 12.01 -6.38
CA SER F 183 -6.56 10.84 -5.52
C SER F 183 -7.95 10.22 -5.41
N LEU F 184 -8.08 9.00 -5.92
CA LEU F 184 -9.34 8.28 -5.91
C LEU F 184 -9.18 6.95 -5.17
N THR F 185 -10.30 6.38 -4.80
CA THR F 185 -10.28 4.99 -4.38
C THR F 185 -10.49 4.09 -5.60
N PRO F 186 -10.00 2.85 -5.55
CA PRO F 186 -10.19 1.96 -6.72
C PRO F 186 -11.64 1.74 -7.07
N GLU F 187 -12.54 1.80 -6.08
CA GLU F 187 -13.96 1.62 -6.35
C GLU F 187 -14.52 2.82 -7.11
N GLN F 188 -14.18 4.03 -6.68
CA GLN F 188 -14.57 5.23 -7.42
C GLN F 188 -14.06 5.18 -8.85
N TRP F 189 -12.81 4.73 -9.03
CA TRP F 189 -12.20 4.73 -10.36
C TRP F 189 -12.95 3.81 -11.31
N LYS F 190 -13.18 2.56 -10.88
CA LYS F 190 -13.92 1.61 -11.72
C LYS F 190 -15.39 1.95 -11.83
N SER F 191 -15.89 2.80 -10.93
CA SER F 191 -17.32 3.13 -10.92
C SER F 191 -17.71 4.01 -12.10
N HIS F 192 -16.83 4.92 -12.51
CA HIS F 192 -17.15 5.87 -13.56
C HIS F 192 -16.68 5.36 -14.91
N LYS F 193 -17.18 5.99 -15.98
CA LYS F 193 -16.81 5.59 -17.33
C LYS F 193 -15.51 6.22 -17.80
N SER F 194 -15.18 7.40 -17.30
CA SER F 194 -13.96 8.09 -17.73
C SER F 194 -13.65 9.19 -16.72
N TYR F 195 -12.40 9.65 -16.77
CA TYR F 195 -11.97 10.82 -16.02
C TYR F 195 -11.20 11.74 -16.95
N SER F 196 -11.34 13.04 -16.75
CA SER F 196 -10.72 14.02 -17.63
C SER F 196 -9.96 15.07 -16.84
N CYS F 197 -8.82 15.47 -17.38
CA CYS F 197 -8.04 16.60 -16.91
C CYS F 197 -8.11 17.70 -17.96
N GLN F 198 -8.56 18.89 -17.56
CA GLN F 198 -8.72 20.02 -18.48
C GLN F 198 -7.81 21.14 -18.02
N VAL F 199 -6.91 21.57 -18.89
CA VAL F 199 -5.98 22.65 -18.61
C VAL F 199 -6.40 23.86 -19.44
N THR F 200 -6.51 25.01 -18.78
CA THR F 200 -6.92 26.26 -19.44
C THR F 200 -5.75 27.23 -19.43
N HIS F 201 -5.38 27.70 -20.61
CA HIS F 201 -4.24 28.60 -20.78
C HIS F 201 -4.57 29.61 -21.87
N GLU F 202 -4.43 30.90 -21.56
CA GLU F 202 -4.69 31.97 -22.51
C GLU F 202 -6.09 31.87 -23.10
N GLY F 203 -7.06 31.54 -22.25
CA GLY F 203 -8.44 31.42 -22.69
C GLY F 203 -8.76 30.20 -23.54
N SER F 204 -7.82 29.28 -23.71
CA SER F 204 -8.05 28.04 -24.45
C SER F 204 -7.83 26.85 -23.53
N THR F 205 -8.49 25.73 -23.86
CA THR F 205 -8.52 24.56 -23.00
C THR F 205 -8.04 23.33 -23.75
N VAL F 206 -7.19 22.52 -23.08
CA VAL F 206 -6.70 21.25 -23.60
C VAL F 206 -7.17 20.16 -22.64
N GLU F 207 -7.79 19.12 -23.20
CA GLU F 207 -8.45 18.11 -22.40
C GLU F 207 -7.67 16.81 -22.58
N LYS F 208 -7.55 15.99 -21.54
CA LYS F 208 -7.08 14.63 -21.71
C LYS F 208 -8.02 13.73 -20.93
N THR F 209 -8.18 12.49 -21.40
CA THR F 209 -9.17 11.58 -20.85
C THR F 209 -8.59 10.19 -20.69
N VAL F 210 -8.95 9.51 -19.60
CA VAL F 210 -8.60 8.12 -19.37
C VAL F 210 -9.83 7.38 -18.88
N ALA F 211 -9.89 6.08 -19.17
CA ALA F 211 -11.01 5.24 -18.79
C ALA F 211 -10.50 3.96 -18.13
N PRO F 212 -11.30 3.34 -17.27
CA PRO F 212 -10.91 2.04 -16.71
C PRO F 212 -11.04 0.88 -17.68
N THR F 213 -11.84 1.03 -18.73
CA THR F 213 -12.02 -0.03 -19.72
C THR F 213 -11.15 0.21 -20.95
#